data_9DBP
#
_entry.id   9DBP
#
_cell.length_a   121.487
_cell.length_b   179.407
_cell.length_c   235.058
_cell.angle_alpha   90.00
_cell.angle_beta   90.00
_cell.angle_gamma   90.00
#
_symmetry.space_group_name_H-M   'I 2 2 2'
#
loop_
_entity.id
_entity.type
_entity.pdbx_description
1 polymer 'Lysine-specific histone demethylase 1A'
2 polymer 'REST corepressor 1'
3 non-polymer 'FLAVIN-ADENINE DINUCLEOTIDE'
4 non-polymer GLYCEROL
5 non-polymer 4-[2-(4-methylphenyl)-5-{[(3R)-pyrrolidin-3-yl]methoxy}pyridin-3-yl]benzonitrile
6 water water
#
loop_
_entity_poly.entity_id
_entity_poly.type
_entity_poly.pdbx_seq_one_letter_code
_entity_poly.pdbx_strand_id
1 'polypeptide(L)'
;SGVEGAAFQSRLPHDRMTSQEAACFPDIISGPQQTQKVFLFIRNRTLQLWLDNPKIQLTFEATLQQLEAPYNSDTVLVHR
VHSYLERHGLINFGIYKAIKPLPTKKTGKVIIIGSGVSGLAAARQLQSFGMDVTLLEARDRVGGRVATFRKGNYVADLGA
MVVTGLGGNPMAVVSKQVNMELAKIKQKCPLYEANGQAVPKEKDEMVEQEFNRLLEATSYLSHQLDFNVLNNKPVSLGQA
LEVVIQLQEKHVKDEQIEHWKKIVKTQEELKELLNKMVNLKEKIKELHQQYKEASEVAPPRDITAEFLVKSKHRDLTALC
KEYDELAETQGKLEEKLQELEANPPSDVYLSSRDRQILDWHFANLEFANATPLSTLSLKHWDQDDDFEFTGSHLTVRNGY
SCVPVALAEGLDIKLNTAVRQVRYTASGCEVIAVNTRSTSQTFIYKCDAVLCTLPLGVLKQQPPAVQFVPPLPEWKTSAV
QRMGFGNLNKVVLCFDRVFWDPSVNLFGHVGSTTASRGELFLFWNLYKAPILLALVAGEAAGIMENISDDVIVGRCLAIL
KGIFGSSAVPQPKETVVSRWRADPWARGSYSYVAAGSSGNDYDLMAQPITPGPSIPGAPQPIPRLFFAGEHTIRNYPATV
HGALLSGLREAGRIADQFLG
;
A
2 'polypeptide(L)'
;KPPAGMFLSQEDVEAVSANATAATTVLRQLDMELVSVKRQIQNIKQTNSALKEKLDGGIEPYRLPEVIQACNARWTTEEQ
LLAVQAIRKYGRDFQAISDVIGNKSVVQVKNFFANYARRFNIDEVLQEWEA
;
B
#
# COMPACT_ATOMS: atom_id res chain seq x y z
N SER A 1 24.37 14.72 22.50
CA SER A 1 24.32 13.56 21.62
C SER A 1 24.10 12.28 22.43
N GLY A 2 24.60 12.29 23.67
CA GLY A 2 24.41 11.16 24.56
C GLY A 2 23.16 11.32 25.40
N VAL A 3 23.01 12.47 26.04
CA VAL A 3 21.78 12.77 26.75
C VAL A 3 20.60 12.83 25.79
N GLU A 4 20.81 13.47 24.63
CA GLU A 4 19.77 13.49 23.60
C GLU A 4 19.44 12.08 23.13
N GLY A 5 20.46 11.23 23.00
CA GLY A 5 20.22 9.84 22.68
C GLY A 5 19.44 9.12 23.77
N ALA A 6 19.65 9.52 25.02
CA ALA A 6 18.84 8.97 26.11
C ALA A 6 17.39 9.39 25.96
N ALA A 7 17.16 10.66 25.62
CA ALA A 7 15.80 11.10 25.32
C ALA A 7 15.20 10.26 24.20
N PHE A 8 16.01 9.93 23.20
CA PHE A 8 15.49 9.19 22.06
C PHE A 8 15.12 7.76 22.43
N GLN A 9 16.01 7.04 23.12
CA GLN A 9 15.68 5.68 23.54
C GLN A 9 14.38 5.66 24.34
N SER A 10 14.14 6.68 25.16
CA SER A 10 12.97 6.70 26.02
C SER A 10 11.73 7.29 25.36
N ARG A 11 11.77 7.52 24.04
CA ARG A 11 10.61 7.99 23.30
C ARG A 11 10.14 9.36 23.81
N LEU A 12 11.09 10.24 24.07
CA LEU A 12 10.79 11.57 24.59
C LEU A 12 11.51 12.62 23.76
N PRO A 13 10.84 13.73 23.41
CA PRO A 13 11.53 14.83 22.75
C PRO A 13 12.56 15.46 23.69
N HIS A 14 13.80 15.55 23.23
CA HIS A 14 14.87 16.06 24.07
C HIS A 14 14.84 17.57 24.26
N ASP A 15 14.12 18.30 23.40
CA ASP A 15 14.20 19.76 23.38
C ASP A 15 12.90 20.43 23.78
N ARG A 16 11.90 19.68 24.24
CA ARG A 16 10.68 20.25 24.80
C ARG A 16 10.19 19.30 25.89
N MET A 17 9.16 19.76 26.62
CA MET A 17 8.55 19.01 27.69
C MET A 17 7.27 18.37 27.20
N THR A 18 6.96 17.20 27.76
CA THR A 18 5.75 16.48 27.41
C THR A 18 4.60 16.92 28.31
N SER A 19 3.40 16.40 28.01
CA SER A 19 2.22 16.80 28.75
C SER A 19 2.27 16.28 30.18
N GLN A 20 2.80 15.07 30.38
CA GLN A 20 2.92 14.53 31.72
C GLN A 20 3.91 15.32 32.56
N GLU A 21 5.00 15.77 31.94
CA GLU A 21 5.92 16.66 32.64
C GLU A 21 5.29 18.02 32.91
N ALA A 22 4.40 18.47 32.02
CA ALA A 22 3.70 19.73 32.28
C ALA A 22 2.67 19.57 33.40
N ALA A 23 2.21 18.35 33.63
CA ALA A 23 1.24 18.08 34.69
C ALA A 23 1.90 17.83 36.03
N CYS A 24 3.08 17.19 36.03
CA CYS A 24 3.83 16.95 37.26
C CYS A 24 4.83 18.07 37.55
N PHE A 25 5.19 18.87 36.54
CA PHE A 25 6.06 20.03 36.74
C PHE A 25 5.41 21.27 36.14
N PRO A 26 4.16 21.58 36.52
CA PRO A 26 3.49 22.73 35.90
C PRO A 26 4.20 24.05 36.14
N ASP A 27 5.04 24.14 37.17
CA ASP A 27 5.70 25.40 37.49
C ASP A 27 6.86 25.67 36.54
N ILE A 28 7.58 24.62 36.14
CA ILE A 28 8.73 24.81 35.27
C ILE A 28 8.28 25.13 33.85
N ILE A 29 7.33 24.37 33.30
CA ILE A 29 6.93 24.65 31.92
C ILE A 29 6.30 26.00 31.77
N SER A 30 5.72 26.51 32.85
CA SER A 30 4.96 27.74 32.82
C SER A 30 5.83 28.96 33.07
N GLY A 31 7.13 28.77 33.27
CA GLY A 31 8.00 29.87 33.62
C GLY A 31 9.18 30.02 32.68
N PRO A 32 10.27 30.59 33.18
CA PRO A 32 11.42 30.89 32.31
C PRO A 32 11.87 29.69 31.51
N GLN A 33 12.28 29.95 30.26
CA GLN A 33 12.76 28.89 29.39
C GLN A 33 14.07 28.29 29.89
N GLN A 34 14.90 29.09 30.54
CA GLN A 34 16.16 28.57 31.06
C GLN A 34 15.89 27.41 32.01
N THR A 35 15.04 27.62 33.02
CA THR A 35 14.71 26.55 33.95
C THR A 35 14.13 25.35 33.22
N GLN A 36 13.39 25.57 32.14
CA GLN A 36 12.90 24.46 31.35
C GLN A 36 14.06 23.65 30.77
N LYS A 37 15.05 24.34 30.22
CA LYS A 37 16.24 23.65 29.74
C LYS A 37 16.91 22.88 30.87
N VAL A 38 17.02 23.49 32.04
CA VAL A 38 17.63 22.82 33.19
C VAL A 38 16.90 21.51 33.47
N PHE A 39 15.56 21.58 33.59
CA PHE A 39 14.77 20.37 33.81
C PHE A 39 15.05 19.34 32.74
N LEU A 40 15.05 19.77 31.48
CA LEU A 40 15.22 18.82 30.38
C LEU A 40 16.58 18.13 30.46
N PHE A 41 17.61 18.88 30.85
CA PHE A 41 18.93 18.29 30.98
C PHE A 41 18.95 17.28 32.12
N ILE A 42 18.37 17.64 33.26
CA ILE A 42 18.35 16.68 34.37
C ILE A 42 17.60 15.43 33.97
N ARG A 43 16.47 15.59 33.28
CA ARG A 43 15.75 14.44 32.78
C ARG A 43 16.66 13.56 31.91
N ASN A 44 17.18 14.14 30.82
CA ASN A 44 17.92 13.36 29.85
C ASN A 44 19.15 12.71 30.48
N ARG A 45 19.78 13.38 31.43
CA ARG A 45 20.98 12.84 32.05
C ARG A 45 20.67 11.70 33.00
N THR A 46 19.62 11.85 33.83
CA THR A 46 19.20 10.73 34.65
C THR A 46 18.83 9.53 33.80
N LEU A 47 18.12 9.78 32.69
CA LEU A 47 17.74 8.69 31.80
C LEU A 47 18.98 8.03 31.19
N GLN A 48 19.97 8.83 30.80
CA GLN A 48 21.20 8.26 30.25
C GLN A 48 21.93 7.43 31.29
N LEU A 49 22.01 7.94 32.53
CA LEU A 49 22.67 7.17 33.58
C LEU A 49 21.99 5.83 33.78
N TRP A 50 20.65 5.81 33.76
CA TRP A 50 19.94 4.54 33.91
C TRP A 50 20.22 3.63 32.71
N LEU A 51 20.15 4.18 31.50
CA LEU A 51 20.25 3.36 30.30
C LEU A 51 21.66 2.83 30.07
N ASP A 52 22.68 3.49 30.62
CA ASP A 52 24.05 3.03 30.45
C ASP A 52 24.37 1.82 31.33
N ASN A 53 23.58 1.59 32.38
CA ASN A 53 23.72 0.39 33.20
C ASN A 53 22.34 0.05 33.77
N PRO A 54 21.49 -0.62 32.98
CA PRO A 54 20.12 -0.89 33.43
C PRO A 54 19.99 -2.03 34.42
N LYS A 55 21.09 -2.69 34.80
CA LYS A 55 21.06 -3.85 35.67
C LYS A 55 21.27 -3.49 37.14
N ILE A 56 21.27 -2.20 37.47
CA ILE A 56 21.34 -1.75 38.85
C ILE A 56 20.38 -0.59 39.02
N GLN A 57 19.88 -0.43 40.25
CA GLN A 57 18.97 0.67 40.55
C GLN A 57 19.72 2.00 40.57
N LEU A 58 19.04 3.05 40.09
CA LEU A 58 19.62 4.39 40.09
C LEU A 58 18.96 5.16 41.23
N THR A 59 19.75 5.58 42.20
CA THR A 59 19.19 6.31 43.33
C THR A 59 19.40 7.82 43.17
N PHE A 60 18.50 8.59 43.80
CA PHE A 60 18.64 10.04 43.78
C PHE A 60 20.04 10.48 44.17
N GLU A 61 20.63 9.79 45.15
CA GLU A 61 21.97 10.13 45.60
C GLU A 61 22.98 10.01 44.46
N ALA A 62 23.01 8.85 43.80
CA ALA A 62 23.93 8.67 42.67
C ALA A 62 23.65 9.69 41.57
N THR A 63 22.38 9.99 41.32
CA THR A 63 22.02 10.95 40.28
C THR A 63 22.63 12.32 40.57
N LEU A 64 22.51 12.77 41.81
CA LEU A 64 23.06 14.09 42.16
C LEU A 64 24.57 14.05 42.11
N GLN A 65 25.18 13.03 42.71
CA GLN A 65 26.59 12.71 42.56
C GLN A 65 27.13 13.00 41.15
N GLN A 66 26.89 12.06 40.22
CA GLN A 66 26.99 12.15 38.74
C GLN A 66 26.32 13.35 38.05
N LEU A 67 25.67 14.27 38.75
CA LEU A 67 25.38 15.55 38.11
C LEU A 67 26.43 16.60 38.46
N GLU A 68 26.50 17.65 37.65
CA GLU A 68 27.43 18.75 37.88
C GLU A 68 26.65 20.06 37.91
N ALA A 69 27.37 21.20 38.20
CA ALA A 69 26.72 22.50 38.17
C ALA A 69 26.67 23.04 36.74
N PRO A 70 25.70 23.91 36.41
CA PRO A 70 24.74 24.48 37.37
C PRO A 70 23.57 23.55 37.72
N TYR A 71 23.66 22.29 37.29
CA TYR A 71 22.56 21.36 37.45
C TYR A 71 22.62 20.55 38.74
N ASN A 72 23.63 20.77 39.59
CA ASN A 72 23.71 20.14 40.91
C ASN A 72 23.23 21.09 42.00
N SER A 73 22.65 22.23 41.61
CA SER A 73 22.07 23.18 42.56
C SER A 73 20.81 22.64 43.18
N ASP A 74 19.71 22.66 42.42
CA ASP A 74 18.38 22.69 42.99
C ASP A 74 18.14 21.23 43.31
N THR A 75 18.50 20.79 44.54
CA THR A 75 18.44 19.37 44.87
C THR A 75 17.01 18.88 44.88
N VAL A 76 16.09 19.76 45.27
CA VAL A 76 14.67 19.45 45.16
C VAL A 76 14.29 19.20 43.70
N LEU A 77 14.88 19.94 42.75
CA LEU A 77 14.49 19.77 41.35
C LEU A 77 14.87 18.37 40.89
N VAL A 78 16.12 18.01 41.20
CA VAL A 78 16.68 16.72 40.82
C VAL A 78 15.89 15.59 41.45
N HIS A 79 15.56 15.74 42.74
CA HIS A 79 14.76 14.73 43.41
C HIS A 79 13.39 14.59 42.74
N ARG A 80 12.76 15.71 42.39
CA ARG A 80 11.46 15.67 41.74
C ARG A 80 11.56 14.94 40.40
N VAL A 81 12.58 15.26 39.61
CA VAL A 81 12.73 14.63 38.30
C VAL A 81 12.96 13.13 38.46
N HIS A 82 13.81 12.75 39.41
CA HIS A 82 14.06 11.33 39.65
C HIS A 82 12.78 10.62 40.03
N SER A 83 12.01 11.21 40.95
CA SER A 83 10.75 10.59 41.37
C SER A 83 9.79 10.44 40.20
N TYR A 84 9.69 11.47 39.36
CA TYR A 84 8.81 11.38 38.20
C TYR A 84 9.24 10.24 37.28
N LEU A 85 10.52 10.20 36.91
CA LEU A 85 10.99 9.18 35.99
C LEU A 85 10.90 7.78 36.59
N GLU A 86 10.90 7.66 37.92
CA GLU A 86 10.80 6.35 38.55
C GLU A 86 9.35 5.89 38.65
N ARG A 87 8.43 6.80 38.98
CA ARG A 87 7.03 6.42 39.11
C ARG A 87 6.44 6.00 37.77
N HIS A 88 6.83 6.65 36.68
CA HIS A 88 6.28 6.37 35.36
C HIS A 88 7.08 5.31 34.60
N GLY A 89 8.11 4.75 35.21
CA GLY A 89 8.79 3.62 34.61
C GLY A 89 9.79 3.96 33.53
N LEU A 90 10.27 5.20 33.47
CA LEU A 90 11.32 5.55 32.53
C LEU A 90 12.71 5.18 33.04
N ILE A 91 12.86 5.03 34.35
CA ILE A 91 14.09 4.53 34.96
C ILE A 91 13.71 3.48 35.99
N ASN A 92 14.66 2.61 36.30
CA ASN A 92 14.47 1.57 37.31
C ASN A 92 13.22 0.74 37.01
N PHE A 93 13.16 0.22 35.79
CA PHE A 93 12.10 -0.67 35.36
C PHE A 93 12.70 -1.97 34.86
N GLY A 94 11.95 -3.06 35.01
CA GLY A 94 12.38 -4.35 34.55
C GLY A 94 13.02 -5.19 35.64
N ILE A 95 14.06 -5.94 35.29
CA ILE A 95 14.79 -6.77 36.24
C ILE A 95 16.10 -6.07 36.52
N TYR A 96 16.17 -5.38 37.66
CA TYR A 96 17.40 -4.72 38.11
C TYR A 96 17.70 -5.15 39.53
N LYS A 97 18.92 -4.86 39.98
CA LYS A 97 19.34 -5.16 41.35
C LYS A 97 18.99 -3.97 42.24
N ALA A 98 18.39 -4.27 43.39
CA ALA A 98 17.92 -3.22 44.29
C ALA A 98 19.05 -2.79 45.21
N ILE A 99 19.36 -1.49 45.20
CA ILE A 99 20.37 -0.99 46.14
C ILE A 99 19.74 -0.68 47.49
N LYS A 100 18.46 -0.26 47.49
CA LYS A 100 17.71 0.00 48.71
C LYS A 100 16.74 -1.15 48.94
N PRO A 101 17.14 -2.21 49.68
CA PRO A 101 16.20 -3.31 49.96
C PRO A 101 14.82 -2.82 50.30
N LEU A 102 13.81 -3.32 49.62
CA LEU A 102 12.46 -2.83 49.82
C LEU A 102 12.01 -2.83 51.27
N PRO A 103 10.78 -2.34 51.54
CA PRO A 103 10.23 -2.43 52.89
C PRO A 103 9.22 -3.57 53.04
N THR A 104 9.21 -4.21 54.21
CA THR A 104 8.14 -5.15 54.51
C THR A 104 6.86 -4.45 54.93
N LYS A 105 6.91 -3.13 55.16
CA LYS A 105 5.74 -2.31 55.42
C LYS A 105 5.09 -1.98 54.09
N LYS A 106 4.12 -2.81 53.68
CA LYS A 106 3.50 -2.71 52.37
C LYS A 106 2.17 -1.98 52.47
N THR A 107 1.95 -1.03 51.57
CA THR A 107 0.78 -0.16 51.60
C THR A 107 -0.09 -0.43 50.39
N GLY A 108 -1.36 -0.76 50.63
CA GLY A 108 -2.32 -1.00 49.58
C GLY A 108 -2.31 -2.44 49.10
N LYS A 109 -3.36 -2.80 48.35
CA LYS A 109 -3.46 -4.13 47.78
C LYS A 109 -4.13 -4.07 46.41
N VAL A 110 -3.52 -4.76 45.45
CA VAL A 110 -3.96 -4.77 44.06
C VAL A 110 -4.00 -6.20 43.58
N ILE A 111 -5.04 -6.55 42.85
CA ILE A 111 -5.17 -7.84 42.18
C ILE A 111 -5.03 -7.61 40.68
N ILE A 112 -4.02 -8.22 40.08
CA ILE A 112 -3.75 -8.08 38.65
C ILE A 112 -4.25 -9.33 37.95
N ILE A 113 -5.22 -9.15 37.06
CA ILE A 113 -5.78 -10.25 36.28
C ILE A 113 -4.90 -10.43 35.06
N GLY A 114 -4.15 -11.53 35.01
CA GLY A 114 -3.28 -11.82 33.88
C GLY A 114 -1.82 -11.69 34.27
N SER A 115 -1.03 -12.68 33.84
CA SER A 115 0.41 -12.71 34.11
C SER A 115 1.19 -12.61 32.81
N GLY A 116 0.68 -11.86 31.85
CA GLY A 116 1.43 -11.52 30.66
C GLY A 116 2.40 -10.39 30.93
N VAL A 117 3.10 -9.98 29.87
CA VAL A 117 4.10 -8.93 30.02
C VAL A 117 3.49 -7.69 30.69
N SER A 118 2.27 -7.32 30.28
CA SER A 118 1.61 -6.18 30.89
C SER A 118 1.47 -6.36 32.39
N GLY A 119 0.82 -7.46 32.80
CA GLY A 119 0.58 -7.69 34.20
C GLY A 119 1.87 -7.87 35.00
N LEU A 120 2.83 -8.60 34.44
CA LEU A 120 4.08 -8.82 35.14
C LEU A 120 4.84 -7.52 35.34
N ALA A 121 4.87 -6.66 34.32
CA ALA A 121 5.54 -5.37 34.46
C ALA A 121 4.84 -4.51 35.51
N ALA A 122 3.51 -4.41 35.43
CA ALA A 122 2.78 -3.64 36.41
C ALA A 122 3.02 -4.16 37.82
N ALA A 123 3.10 -5.49 37.98
CA ALA A 123 3.27 -6.09 39.29
C ALA A 123 4.66 -5.79 39.84
N ARG A 124 5.69 -5.97 39.01
CA ARG A 124 7.04 -5.63 39.44
C ARG A 124 7.14 -4.18 39.87
N GLN A 125 6.55 -3.27 39.09
CA GLN A 125 6.64 -1.85 39.43
C GLN A 125 5.88 -1.55 40.71
N LEU A 126 4.68 -2.10 40.88
CA LEU A 126 3.91 -1.83 42.10
C LEU A 126 4.58 -2.43 43.32
N GLN A 127 5.24 -3.57 43.18
CA GLN A 127 5.99 -4.14 44.30
C GLN A 127 7.18 -3.27 44.65
N SER A 128 7.90 -2.77 43.64
CA SER A 128 9.01 -1.86 43.91
C SER A 128 8.53 -0.57 44.55
N PHE A 129 7.30 -0.15 44.25
CA PHE A 129 6.73 1.06 44.85
C PHE A 129 6.28 0.84 46.28
N GLY A 130 6.19 -0.41 46.73
CA GLY A 130 5.85 -0.72 48.09
C GLY A 130 4.45 -1.26 48.32
N MET A 131 3.81 -1.84 47.31
CA MET A 131 2.46 -2.35 47.44
C MET A 131 2.46 -3.88 47.45
N ASP A 132 1.37 -4.43 47.96
CA ASP A 132 1.13 -5.87 47.95
C ASP A 132 0.37 -6.23 46.68
N VAL A 133 0.94 -7.10 45.86
CA VAL A 133 0.38 -7.43 44.56
C VAL A 133 0.28 -8.95 44.44
N THR A 134 -0.87 -9.42 43.95
CA THR A 134 -1.09 -10.83 43.65
C THR A 134 -1.66 -10.93 42.25
N LEU A 135 -1.00 -11.70 41.40
CA LEU A 135 -1.43 -11.91 40.03
C LEU A 135 -2.25 -13.20 39.93
N LEU A 136 -3.32 -13.16 39.15
CA LEU A 136 -4.21 -14.30 38.97
C LEU A 136 -4.18 -14.71 37.50
N GLU A 137 -3.58 -15.86 37.23
CA GLU A 137 -3.41 -16.36 35.86
C GLU A 137 -4.23 -17.64 35.68
N ALA A 138 -4.88 -17.75 34.52
CA ALA A 138 -5.66 -18.94 34.22
C ALA A 138 -4.79 -20.08 33.71
N ARG A 139 -3.78 -19.77 32.89
CA ARG A 139 -2.94 -20.80 32.31
C ARG A 139 -2.06 -21.43 33.40
N ASP A 140 -1.34 -22.48 33.01
CA ASP A 140 -0.34 -23.10 33.87
C ASP A 140 1.03 -22.47 33.70
N ARG A 141 1.12 -21.31 33.05
CA ARG A 141 2.39 -20.69 32.75
C ARG A 141 2.21 -19.18 32.76
N VAL A 142 3.33 -18.47 32.76
CA VAL A 142 3.33 -17.02 32.61
C VAL A 142 3.65 -16.68 31.17
N GLY A 143 3.44 -15.42 30.80
CA GLY A 143 3.79 -14.95 29.48
C GLY A 143 2.60 -14.67 28.59
N GLY A 144 1.58 -15.52 28.66
CA GLY A 144 0.40 -15.35 27.85
C GLY A 144 0.65 -15.54 26.37
N ARG A 145 0.51 -14.48 25.59
CA ARG A 145 0.76 -14.54 24.16
C ARG A 145 2.25 -14.54 23.82
N VAL A 146 3.12 -14.54 24.82
CA VAL A 146 4.54 -14.79 24.64
C VAL A 146 4.76 -16.24 25.07
N ALA A 147 4.72 -17.16 24.11
CA ALA A 147 4.81 -18.59 24.40
C ALA A 147 5.90 -19.23 23.56
N THR A 148 6.64 -20.14 24.19
CA THR A 148 7.78 -20.79 23.57
C THR A 148 7.66 -22.30 23.75
N PHE A 149 7.54 -23.02 22.64
CA PHE A 149 7.63 -24.47 22.65
C PHE A 149 9.08 -24.89 22.89
N ARG A 150 9.28 -25.84 23.80
CA ARG A 150 10.61 -26.29 24.20
C ARG A 150 10.56 -27.79 24.44
N LYS A 151 11.00 -28.57 23.46
CA LYS A 151 11.10 -30.02 23.57
C LYS A 151 12.53 -30.41 23.20
N GLY A 152 13.25 -30.95 24.17
CA GLY A 152 14.65 -31.23 23.96
C GLY A 152 15.41 -29.97 23.62
N ASN A 153 16.35 -30.10 22.70
CA ASN A 153 17.07 -28.99 22.10
C ASN A 153 16.33 -28.41 20.89
N TYR A 154 15.01 -28.63 20.81
CA TYR A 154 14.14 -27.86 19.92
C TYR A 154 13.45 -26.74 20.69
N VAL A 155 13.63 -25.50 20.23
CA VAL A 155 12.98 -24.31 20.79
C VAL A 155 12.38 -23.47 19.67
N ALA A 156 11.12 -23.08 19.83
CA ALA A 156 10.44 -22.30 18.81
C ALA A 156 9.30 -21.52 19.43
N ASP A 157 9.30 -20.21 19.20
CA ASP A 157 8.24 -19.36 19.70
C ASP A 157 6.94 -19.65 18.96
N LEU A 158 5.88 -19.86 19.73
CA LEU A 158 4.55 -20.01 19.15
C LEU A 158 3.75 -18.72 19.17
N GLY A 159 4.18 -17.73 19.95
CA GLY A 159 3.55 -16.42 19.98
C GLY A 159 4.47 -15.35 19.40
N ALA A 160 5.00 -14.50 20.28
CA ALA A 160 5.92 -13.44 19.85
C ALA A 160 7.32 -13.99 19.63
N MET A 161 7.94 -13.61 18.52
CA MET A 161 9.26 -14.12 18.18
C MET A 161 10.20 -12.99 17.75
N VAL A 162 9.78 -11.72 17.89
CA VAL A 162 10.43 -10.58 17.24
C VAL A 162 10.41 -9.30 18.07
N VAL A 163 11.41 -8.45 17.79
CA VAL A 163 11.57 -7.13 18.37
C VAL A 163 11.60 -6.15 17.21
N THR A 164 10.65 -5.23 17.18
CA THR A 164 10.42 -4.45 15.97
C THR A 164 11.37 -3.26 15.95
N GLY A 165 12.66 -3.55 16.06
CA GLY A 165 13.64 -2.49 16.18
C GLY A 165 14.00 -2.15 17.62
N LEU A 166 15.27 -1.83 17.84
CA LEU A 166 15.79 -1.54 19.17
C LEU A 166 16.03 -0.05 19.40
N GLY A 167 15.70 0.80 18.43
CA GLY A 167 15.87 2.23 18.59
C GLY A 167 14.65 2.89 19.19
N GLY A 168 14.66 3.07 20.51
CA GLY A 168 13.50 3.55 21.23
C GLY A 168 12.62 2.46 21.79
N ASN A 169 13.02 1.20 21.67
CA ASN A 169 12.23 0.08 22.16
C ASN A 169 12.53 -0.16 23.62
N PRO A 170 11.53 -0.16 24.52
CA PRO A 170 11.83 -0.50 25.92
C PRO A 170 12.52 -1.84 26.05
N MET A 171 12.14 -2.81 25.21
CA MET A 171 12.69 -4.16 25.31
C MET A 171 14.21 -4.15 25.23
N ALA A 172 14.80 -3.18 24.53
CA ALA A 172 16.25 -3.05 24.51
C ALA A 172 16.82 -3.19 25.92
N VAL A 173 16.35 -2.32 26.83
CA VAL A 173 16.80 -2.41 28.23
C VAL A 173 16.62 -3.83 28.75
N VAL A 174 15.42 -4.38 28.58
CA VAL A 174 15.14 -5.73 29.07
C VAL A 174 16.15 -6.72 28.50
N SER A 175 16.50 -6.56 27.22
CA SER A 175 17.42 -7.49 26.59
C SER A 175 18.79 -7.45 27.27
N LYS A 176 19.20 -6.28 27.76
CA LYS A 176 20.45 -6.20 28.50
C LYS A 176 20.33 -6.85 29.87
N GLN A 177 19.13 -6.89 30.43
CA GLN A 177 18.91 -7.44 31.77
C GLN A 177 18.68 -8.94 31.77
N VAL A 178 18.16 -9.50 30.67
CA VAL A 178 17.84 -10.91 30.60
C VAL A 178 18.83 -11.71 29.75
N ASN A 179 19.71 -11.03 29.00
CA ASN A 179 20.70 -11.70 28.14
C ASN A 179 20.01 -12.61 27.11
N MET A 180 19.18 -12.02 26.26
CA MET A 180 18.37 -12.69 25.24
C MET A 180 19.04 -12.50 23.89
N GLU A 181 19.31 -13.54 23.17
CA GLU A 181 20.23 -13.26 22.07
C GLU A 181 19.27 -12.77 20.98
N LEU A 182 19.49 -11.59 20.38
CA LEU A 182 18.72 -11.11 19.21
C LEU A 182 19.54 -11.34 17.96
N ALA A 183 18.89 -11.78 16.88
CA ALA A 183 19.56 -12.07 15.62
C ALA A 183 18.83 -11.40 14.46
N LYS A 184 19.58 -10.82 13.54
CA LYS A 184 18.96 -10.12 12.44
C LYS A 184 18.31 -11.10 11.47
N ILE A 185 17.61 -10.51 10.51
CA ILE A 185 16.94 -11.26 9.46
C ILE A 185 17.36 -10.65 8.14
N LYS A 186 17.37 -11.53 7.16
CA LYS A 186 17.83 -11.19 5.84
C LYS A 186 16.66 -10.99 4.86
N GLN A 187 16.78 -9.86 4.14
CA GLN A 187 15.71 -9.39 3.27
C GLN A 187 15.12 -10.56 2.52
N LYS A 188 16.01 -11.40 1.97
CA LYS A 188 15.72 -12.26 0.84
C LYS A 188 14.63 -13.26 1.17
N CYS A 189 13.54 -13.13 0.42
CA CYS A 189 12.39 -14.02 0.54
C CYS A 189 12.16 -14.55 -0.87
N PRO A 190 13.00 -15.46 -1.35
CA PRO A 190 12.67 -16.11 -2.63
C PRO A 190 11.28 -16.69 -2.66
N LEU A 191 10.49 -16.21 -3.61
CA LEU A 191 9.14 -16.68 -3.85
C LEU A 191 9.07 -17.82 -4.84
N TYR A 192 8.21 -18.78 -4.52
CA TYR A 192 8.04 -20.00 -5.27
C TYR A 192 6.55 -20.22 -5.49
N GLU A 193 6.16 -20.40 -6.75
CA GLU A 193 4.76 -20.64 -7.08
C GLU A 193 4.36 -22.07 -6.74
N ALA A 194 3.10 -22.39 -7.06
CA ALA A 194 2.57 -23.71 -6.73
C ALA A 194 3.37 -24.80 -7.41
N ASN A 195 3.77 -24.58 -8.66
CA ASN A 195 4.54 -25.56 -9.40
C ASN A 195 5.83 -25.94 -8.68
N GLY A 196 6.27 -25.12 -7.73
CA GLY A 196 7.55 -25.31 -7.08
C GLY A 196 8.68 -24.54 -7.72
N GLN A 197 8.44 -23.86 -8.83
CA GLN A 197 9.47 -23.11 -9.53
C GLN A 197 9.51 -21.69 -8.99
N ALA A 198 10.72 -21.19 -8.75
CA ALA A 198 10.88 -19.83 -8.25
C ALA A 198 10.28 -18.83 -9.23
N VAL A 199 10.02 -17.63 -8.74
CA VAL A 199 9.51 -16.53 -9.56
C VAL A 199 10.71 -15.78 -10.14
N PRO A 200 10.71 -15.47 -11.44
CA PRO A 200 11.87 -14.76 -12.01
C PRO A 200 12.07 -13.42 -11.32
N LYS A 201 13.34 -13.09 -11.11
CA LYS A 201 13.64 -11.80 -10.50
C LYS A 201 12.75 -10.71 -11.09
N GLU A 202 12.63 -10.58 -12.49
CA GLU A 202 12.07 -9.33 -13.07
C GLU A 202 10.54 -9.27 -12.72
N LYS A 203 9.77 -10.39 -12.73
CA LYS A 203 8.35 -10.28 -12.28
C LYS A 203 8.21 -10.07 -10.76
N ASP A 204 9.12 -10.68 -10.01
CA ASP A 204 9.11 -10.49 -8.56
C ASP A 204 9.23 -9.02 -8.22
N GLU A 205 10.26 -8.36 -8.76
CA GLU A 205 10.45 -6.94 -8.49
C GLU A 205 9.32 -6.13 -9.09
N MET A 206 8.86 -6.49 -10.29
CA MET A 206 7.69 -5.75 -10.75
C MET A 206 6.68 -5.64 -9.67
N VAL A 207 6.17 -6.83 -9.35
CA VAL A 207 4.94 -6.98 -8.62
C VAL A 207 5.12 -6.40 -7.26
N GLU A 208 6.33 -6.53 -6.71
CA GLU A 208 6.62 -5.91 -5.43
C GLU A 208 6.42 -4.39 -5.47
N GLN A 209 7.07 -3.65 -6.38
CA GLN A 209 6.50 -2.31 -6.46
C GLN A 209 5.01 -2.16 -6.77
N GLU A 210 4.43 -2.90 -7.68
CA GLU A 210 3.02 -2.59 -7.93
C GLU A 210 2.28 -2.61 -6.60
N PHE A 211 2.69 -3.51 -5.70
CA PHE A 211 2.09 -3.58 -4.38
C PHE A 211 2.34 -2.30 -3.59
N ASN A 212 3.61 -1.89 -3.49
CA ASN A 212 3.92 -0.66 -2.75
C ASN A 212 3.16 0.53 -3.32
N ARG A 213 3.08 0.62 -4.64
CA ARG A 213 2.42 1.73 -5.29
C ARG A 213 0.93 1.71 -5.01
N LEU A 214 0.31 0.53 -5.04
CA LEU A 214 -1.12 0.44 -4.76
C LEU A 214 -1.42 0.86 -3.33
N LEU A 215 -0.52 0.52 -2.39
CA LEU A 215 -0.72 0.96 -1.01
C LEU A 215 -0.61 2.49 -0.90
N GLU A 216 0.44 3.07 -1.50
CA GLU A 216 0.53 4.53 -1.55
C GLU A 216 -0.72 5.13 -2.20
N ALA A 217 -1.30 4.42 -3.16
CA ALA A 217 -2.49 4.92 -3.84
C ALA A 217 -3.70 4.89 -2.91
N THR A 218 -3.83 3.85 -2.10
CA THR A 218 -4.88 3.84 -1.08
C THR A 218 -4.71 5.03 -0.13
N SER A 219 -3.47 5.30 0.28
CA SER A 219 -3.23 6.45 1.16
C SER A 219 -3.65 7.75 0.49
N TYR A 220 -3.30 7.93 -0.79
CA TYR A 220 -3.71 9.13 -1.53
C TYR A 220 -5.23 9.22 -1.64
N LEU A 221 -5.89 8.09 -1.93
CA LEU A 221 -7.35 8.06 -2.04
C LEU A 221 -8.02 8.39 -0.73
N SER A 222 -7.34 8.15 0.40
CA SER A 222 -7.94 8.50 1.68
C SER A 222 -7.67 9.95 2.08
N HIS A 223 -6.44 10.41 1.92
CA HIS A 223 -6.03 11.67 2.54
C HIS A 223 -6.26 12.90 1.67
N GLN A 224 -6.14 12.76 0.35
CA GLN A 224 -6.45 13.90 -0.51
C GLN A 224 -7.88 13.84 -1.03
N LEU A 225 -8.38 12.64 -1.36
CA LEU A 225 -9.67 12.49 -1.99
C LEU A 225 -10.80 12.18 -1.02
N ASP A 226 -10.48 11.89 0.24
CA ASP A 226 -11.50 11.72 1.29
C ASP A 226 -12.48 10.60 0.96
N PHE A 227 -11.96 9.48 0.45
CA PHE A 227 -12.76 8.29 0.17
C PHE A 227 -12.72 7.35 1.38
N ASN A 228 -13.27 7.85 2.49
CA ASN A 228 -13.26 7.15 3.76
C ASN A 228 -14.63 6.67 4.21
N VAL A 229 -15.69 7.01 3.47
CA VAL A 229 -17.02 6.49 3.73
C VAL A 229 -17.69 6.23 2.40
N LEU A 230 -18.39 5.09 2.31
CA LEU A 230 -19.15 4.73 1.12
C LEU A 230 -20.34 3.88 1.55
N ASN A 231 -21.54 4.23 1.09
CA ASN A 231 -22.77 3.50 1.41
C ASN A 231 -23.15 3.66 2.88
N ASN A 232 -22.80 4.83 3.39
CA ASN A 232 -23.10 5.31 4.71
C ASN A 232 -22.19 4.65 5.73
N LYS A 233 -21.18 3.88 5.25
CA LYS A 233 -20.42 2.87 5.97
C LYS A 233 -18.90 3.11 5.76
N PRO A 234 -18.10 2.81 6.78
CA PRO A 234 -16.66 3.15 6.69
C PRO A 234 -15.94 2.22 5.74
N VAL A 235 -14.97 2.78 5.01
CA VAL A 235 -14.21 2.07 3.98
C VAL A 235 -13.05 1.32 4.62
N SER A 236 -12.68 0.18 4.03
CA SER A 236 -11.54 -0.61 4.49
C SER A 236 -10.37 -0.45 3.55
N LEU A 237 -9.23 -1.03 3.93
CA LEU A 237 -8.05 -0.99 3.07
C LEU A 237 -8.24 -1.87 1.84
N GLY A 238 -8.94 -3.00 2.00
CA GLY A 238 -9.16 -3.88 0.87
C GLY A 238 -10.11 -3.30 -0.16
N GLN A 239 -11.17 -2.65 0.30
CA GLN A 239 -12.09 -1.99 -0.63
C GLN A 239 -11.36 -0.92 -1.43
N ALA A 240 -10.52 -0.12 -0.76
CA ALA A 240 -9.76 0.90 -1.48
C ALA A 240 -8.77 0.27 -2.45
N LEU A 241 -8.11 -0.83 -2.03
CA LEU A 241 -7.16 -1.48 -2.91
C LEU A 241 -7.84 -1.99 -4.18
N GLU A 242 -9.02 -2.60 -4.04
CA GLU A 242 -9.71 -3.11 -5.21
C GLU A 242 -10.24 -1.97 -6.07
N VAL A 243 -10.69 -0.87 -5.47
CA VAL A 243 -11.06 0.29 -6.26
C VAL A 243 -9.88 0.77 -7.10
N VAL A 244 -8.70 0.85 -6.47
CA VAL A 244 -7.52 1.33 -7.18
C VAL A 244 -7.18 0.39 -8.33
N ILE A 245 -7.19 -0.91 -8.06
CA ILE A 245 -6.87 -1.89 -9.10
C ILE A 245 -7.86 -1.77 -10.26
N GLN A 246 -9.14 -1.63 -9.95
CA GLN A 246 -10.15 -1.49 -10.99
C GLN A 246 -9.89 -0.26 -11.84
N LEU A 247 -9.49 0.85 -11.21
CA LEU A 247 -9.22 2.05 -11.99
C LEU A 247 -7.96 1.92 -12.84
N GLN A 248 -6.96 1.18 -12.36
CA GLN A 248 -5.80 0.92 -13.19
C GLN A 248 -6.17 0.11 -14.43
N GLU A 249 -7.00 -0.93 -14.24
CA GLU A 249 -7.47 -1.71 -15.38
C GLU A 249 -8.29 -0.84 -16.34
N LYS A 250 -9.14 0.03 -15.79
CA LYS A 250 -9.84 1.01 -16.61
C LYS A 250 -8.85 1.82 -17.44
N HIS A 251 -7.76 2.28 -16.82
CA HIS A 251 -6.79 3.08 -17.56
C HIS A 251 -6.20 2.30 -18.72
N VAL A 252 -5.81 1.05 -18.45
CA VAL A 252 -5.33 0.20 -19.53
C VAL A 252 -6.34 0.23 -20.66
N LYS A 253 -7.56 -0.13 -20.32
CA LYS A 253 -8.60 -0.13 -21.33
C LYS A 253 -8.71 1.21 -22.04
N ASP A 254 -8.54 2.32 -21.36
CA ASP A 254 -8.96 3.51 -22.11
C ASP A 254 -7.86 3.95 -23.05
N GLU A 255 -6.63 3.91 -22.54
CA GLU A 255 -5.48 4.11 -23.39
C GLU A 255 -5.67 3.23 -24.58
N GLN A 256 -6.36 2.09 -24.39
CA GLN A 256 -6.23 1.09 -25.43
C GLN A 256 -7.06 1.64 -26.54
N ILE A 257 -8.29 2.00 -26.12
CA ILE A 257 -9.32 2.51 -27.00
C ILE A 257 -8.78 3.68 -27.79
N GLU A 258 -8.09 4.60 -27.11
CA GLU A 258 -7.56 5.77 -27.79
C GLU A 258 -6.55 5.40 -28.87
N HIS A 259 -5.70 4.41 -28.61
CA HIS A 259 -4.78 3.97 -29.65
C HIS A 259 -5.54 3.46 -30.89
N TRP A 260 -6.44 2.51 -30.68
CA TRP A 260 -7.21 2.01 -31.83
C TRP A 260 -8.04 3.10 -32.50
N LYS A 261 -8.42 4.15 -31.76
CA LYS A 261 -9.18 5.23 -32.36
C LYS A 261 -8.30 6.11 -33.23
N LYS A 262 -7.04 6.30 -32.83
CA LYS A 262 -6.13 7.00 -33.74
C LYS A 262 -5.98 6.20 -35.01
N ILE A 263 -5.89 4.87 -34.88
CA ILE A 263 -5.74 4.01 -36.04
C ILE A 263 -6.94 4.14 -36.96
N VAL A 264 -8.14 4.16 -36.40
CA VAL A 264 -9.32 4.30 -37.26
C VAL A 264 -9.31 5.65 -37.96
N LYS A 265 -9.02 6.73 -37.24
CA LYS A 265 -8.98 8.04 -37.86
C LYS A 265 -8.05 8.05 -39.08
N THR A 266 -6.82 7.59 -38.86
CA THR A 266 -5.83 7.58 -39.94
C THR A 266 -6.29 6.67 -41.06
N GLN A 267 -6.89 5.54 -40.71
CA GLN A 267 -7.39 4.68 -41.76
C GLN A 267 -8.41 5.40 -42.63
N GLU A 268 -9.32 6.15 -42.03
CA GLU A 268 -10.45 6.48 -42.87
C GLU A 268 -10.05 7.66 -43.73
N GLU A 269 -9.13 8.51 -43.19
CA GLU A 269 -8.42 9.54 -43.95
C GLU A 269 -7.62 8.98 -45.11
N LEU A 270 -6.96 7.84 -44.90
CA LEU A 270 -6.49 7.08 -46.07
C LEU A 270 -7.63 6.73 -47.03
N LYS A 271 -8.77 6.28 -46.50
CA LYS A 271 -9.95 6.02 -47.31
C LYS A 271 -10.24 7.18 -48.27
N GLU A 272 -10.45 8.38 -47.73
CA GLU A 272 -10.76 9.52 -48.61
C GLU A 272 -9.65 9.76 -49.63
N LEU A 273 -8.39 9.70 -49.18
CA LEU A 273 -7.30 9.93 -50.12
C LEU A 273 -7.38 8.94 -51.28
N LEU A 274 -7.37 7.65 -50.98
CA LEU A 274 -7.44 6.64 -52.03
C LEU A 274 -8.66 6.86 -52.89
N ASN A 275 -9.75 7.40 -52.32
CA ASN A 275 -11.00 7.34 -53.05
C ASN A 275 -10.94 8.37 -54.17
N LYS A 276 -10.52 9.59 -53.76
CA LYS A 276 -10.11 10.67 -54.65
C LYS A 276 -9.09 10.22 -55.69
N MET A 277 -8.06 9.46 -55.26
CA MET A 277 -7.05 8.98 -56.22
C MET A 277 -7.69 8.03 -57.26
N VAL A 278 -8.64 7.15 -56.89
CA VAL A 278 -9.29 6.33 -57.93
C VAL A 278 -10.03 7.22 -58.95
N ASN A 279 -10.81 8.18 -58.44
CA ASN A 279 -11.54 9.06 -59.35
C ASN A 279 -10.57 9.81 -60.27
N LEU A 280 -9.50 10.38 -59.67
CA LEU A 280 -8.55 11.18 -60.45
C LEU A 280 -7.94 10.29 -61.51
N LYS A 281 -7.77 9.01 -61.17
CA LYS A 281 -7.17 8.10 -62.14
C LYS A 281 -8.07 7.85 -63.35
N GLU A 282 -9.35 7.60 -63.15
CA GLU A 282 -10.18 7.33 -64.33
C GLU A 282 -10.24 8.57 -65.23
N LYS A 283 -10.15 9.73 -64.57
CA LYS A 283 -10.24 11.01 -65.23
C LYS A 283 -9.02 11.23 -66.07
N ILE A 284 -7.86 10.85 -65.53
CA ILE A 284 -6.62 10.93 -66.30
C ILE A 284 -6.67 9.96 -67.47
N LYS A 285 -7.23 8.77 -67.26
CA LYS A 285 -7.39 7.83 -68.37
C LYS A 285 -8.18 8.45 -69.52
N GLU A 286 -9.33 9.02 -69.21
CA GLU A 286 -10.17 9.62 -70.23
C GLU A 286 -9.44 10.78 -70.92
N LEU A 287 -8.82 11.66 -70.13
CA LEU A 287 -8.14 12.80 -70.73
C LEU A 287 -6.98 12.35 -71.60
N HIS A 288 -6.32 11.24 -71.26
CA HIS A 288 -5.26 10.74 -72.12
C HIS A 288 -5.80 10.22 -73.44
N GLN A 289 -6.91 9.48 -73.39
CA GLN A 289 -7.53 9.05 -74.64
C GLN A 289 -7.86 10.27 -75.51
N GLN A 290 -8.36 11.35 -74.89
CA GLN A 290 -8.70 12.54 -75.64
C GLN A 290 -7.46 13.20 -76.24
N TYR A 291 -6.38 13.30 -75.46
CA TYR A 291 -5.13 13.84 -76.00
C TYR A 291 -4.67 13.03 -77.22
N LYS A 292 -4.79 11.70 -77.13
CA LYS A 292 -4.34 10.86 -78.23
C LYS A 292 -5.22 11.02 -79.46
N GLU A 293 -6.54 11.17 -79.26
CA GLU A 293 -7.42 11.39 -80.40
C GLU A 293 -7.20 12.74 -81.05
N ALA A 294 -6.74 13.73 -80.27
CA ALA A 294 -6.48 15.05 -80.84
C ALA A 294 -5.10 15.16 -81.51
N SER A 295 -4.06 14.45 -81.03
CA SER A 295 -2.67 14.57 -81.50
C SER A 295 -2.36 13.71 -82.73
N GLU A 296 -3.30 12.76 -83.06
CA GLU A 296 -3.55 12.02 -84.32
C GLU A 296 -4.41 12.74 -85.35
N VAL A 297 -4.89 13.96 -85.13
CA VAL A 297 -5.21 14.79 -86.31
C VAL A 297 -3.91 15.28 -86.94
N ALA A 298 -3.74 15.01 -88.26
CA ALA A 298 -2.44 15.17 -88.91
C ALA A 298 -1.84 16.58 -88.73
N PRO A 299 -0.52 16.71 -88.90
CA PRO A 299 0.17 17.96 -88.54
C PRO A 299 -0.33 19.17 -89.31
N PRO A 300 -0.88 19.01 -90.53
CA PRO A 300 -1.56 20.16 -91.17
C PRO A 300 -2.93 20.46 -90.57
N ARG A 301 -2.97 21.43 -89.67
CA ARG A 301 -4.04 21.75 -88.72
C ARG A 301 -4.20 23.24 -88.51
N ASP A 302 -5.46 23.63 -88.29
CA ASP A 302 -5.76 24.97 -87.85
C ASP A 302 -5.35 25.14 -86.39
N ILE A 303 -5.53 26.35 -85.89
CA ILE A 303 -5.04 26.66 -84.55
C ILE A 303 -6.00 26.19 -83.46
N THR A 304 -7.28 25.96 -83.79
CA THR A 304 -8.18 25.42 -82.78
C THR A 304 -7.81 23.98 -82.43
N ALA A 305 -7.38 23.20 -83.42
CA ALA A 305 -6.99 21.82 -83.16
C ALA A 305 -5.66 21.76 -82.42
N GLU A 306 -4.69 22.56 -82.85
CA GLU A 306 -3.45 22.68 -82.09
C GLU A 306 -3.74 23.10 -80.65
N PHE A 307 -4.68 24.01 -80.46
CA PHE A 307 -5.05 24.41 -79.11
C PHE A 307 -5.64 23.24 -78.34
N LEU A 308 -6.49 22.45 -78.99
CA LEU A 308 -7.03 21.26 -78.33
C LEU A 308 -5.89 20.37 -77.84
N VAL A 309 -4.95 20.06 -78.72
CA VAL A 309 -3.84 19.19 -78.34
C VAL A 309 -3.09 19.75 -77.13
N LYS A 310 -2.71 21.03 -77.21
CA LYS A 310 -1.85 21.60 -76.18
C LYS A 310 -2.60 21.81 -74.86
N SER A 311 -3.87 22.20 -74.95
CA SER A 311 -4.67 22.36 -73.74
C SER A 311 -4.89 21.03 -73.04
N LYS A 312 -5.18 19.97 -73.81
CA LYS A 312 -5.29 18.65 -73.22
C LYS A 312 -3.96 18.21 -72.61
N HIS A 313 -2.85 18.56 -73.25
CA HIS A 313 -1.54 18.27 -72.66
C HIS A 313 -1.41 18.91 -71.29
N ARG A 314 -1.72 20.21 -71.21
CA ARG A 314 -1.58 20.90 -69.94
C ARG A 314 -2.49 20.28 -68.88
N ASP A 315 -3.77 20.07 -69.22
CA ASP A 315 -4.71 19.51 -68.26
C ASP A 315 -4.25 18.14 -67.78
N LEU A 316 -3.78 17.29 -68.70
CA LEU A 316 -3.25 15.99 -68.30
C LEU A 316 -2.10 16.14 -67.33
N THR A 317 -1.11 16.97 -67.66
CA THR A 317 0.04 17.11 -66.76
C THR A 317 -0.40 17.59 -65.39
N ALA A 318 -1.31 18.56 -65.33
CA ALA A 318 -1.78 19.06 -64.05
C ALA A 318 -2.42 17.95 -63.22
N LEU A 319 -3.34 17.20 -63.82
CA LEU A 319 -4.01 16.15 -63.05
C LEU A 319 -3.04 15.04 -62.64
N CYS A 320 -2.07 14.73 -63.49
CA CYS A 320 -1.07 13.72 -63.14
C CYS A 320 -0.22 14.17 -61.95
N LYS A 321 0.21 15.43 -61.95
CA LYS A 321 0.96 15.94 -60.80
C LYS A 321 0.10 15.94 -59.53
N GLU A 322 -1.18 16.31 -59.64
CA GLU A 322 -2.05 16.20 -58.47
C GLU A 322 -2.10 14.76 -57.97
N TYR A 323 -2.18 13.79 -58.89
CA TYR A 323 -2.17 12.39 -58.47
C TYR A 323 -0.89 12.04 -57.74
N ASP A 324 0.25 12.53 -58.22
CA ASP A 324 1.52 12.23 -57.57
C ASP A 324 1.55 12.80 -56.16
N GLU A 325 0.98 14.00 -55.96
CA GLU A 325 0.88 14.55 -54.61
C GLU A 325 -0.04 13.68 -53.73
N LEU A 326 -1.20 13.30 -54.25
CA LEU A 326 -2.01 12.43 -53.41
C LEU A 326 -1.27 11.14 -53.10
N ALA A 327 -0.43 10.68 -54.03
CA ALA A 327 0.31 9.45 -53.79
C ALA A 327 1.44 9.63 -52.79
N GLU A 328 2.01 10.82 -52.67
CA GLU A 328 2.96 11.02 -51.58
C GLU A 328 2.25 10.93 -50.23
N THR A 329 1.08 11.56 -50.16
CA THR A 329 0.33 11.53 -48.91
C THR A 329 -0.08 10.11 -48.55
N GLN A 330 -0.39 9.30 -49.55
CA GLN A 330 -0.72 7.90 -49.27
C GLN A 330 0.38 7.24 -48.45
N GLY A 331 1.64 7.47 -48.81
CA GLY A 331 2.75 6.93 -48.07
C GLY A 331 2.97 7.57 -46.72
N LYS A 332 2.97 8.92 -46.65
CA LYS A 332 3.01 9.56 -45.33
C LYS A 332 1.82 9.17 -44.43
N LEU A 333 0.77 8.49 -44.93
CA LEU A 333 -0.25 7.96 -43.99
C LEU A 333 -0.08 6.46 -43.69
N GLU A 334 0.26 5.65 -44.68
CA GLU A 334 0.56 4.24 -44.45
C GLU A 334 1.70 4.10 -43.43
N GLU A 335 2.65 5.02 -43.49
CA GLU A 335 3.78 5.03 -42.58
C GLU A 335 3.31 5.17 -41.14
N LYS A 336 2.43 6.13 -40.86
CA LYS A 336 1.92 6.27 -39.51
C LYS A 336 1.04 5.09 -39.12
N LEU A 337 0.28 4.52 -40.05
CA LEU A 337 -0.50 3.32 -39.72
C LEU A 337 0.37 2.21 -39.16
N GLN A 338 1.47 1.91 -39.84
CA GLN A 338 2.39 0.84 -39.40
C GLN A 338 3.33 1.25 -38.27
N GLU A 339 3.63 2.54 -38.10
CA GLU A 339 4.11 2.95 -36.78
C GLU A 339 3.12 2.54 -35.67
N LEU A 340 1.85 2.91 -35.79
CA LEU A 340 0.97 2.77 -34.63
C LEU A 340 0.62 1.31 -34.40
N GLU A 341 0.29 0.60 -35.48
CA GLU A 341 0.17 -0.85 -35.44
C GLU A 341 1.38 -1.50 -34.80
N ALA A 342 2.54 -0.82 -34.74
CA ALA A 342 3.73 -1.46 -34.20
C ALA A 342 4.17 -0.98 -32.81
N ASN A 343 3.54 0.08 -32.24
CA ASN A 343 3.64 0.45 -30.82
C ASN A 343 2.27 0.27 -30.16
N PRO A 344 1.89 -0.97 -29.84
CA PRO A 344 0.63 -1.21 -29.13
C PRO A 344 0.74 -0.85 -27.66
N PRO A 345 -0.26 -0.15 -27.10
CA PRO A 345 -0.32 0.01 -25.64
C PRO A 345 -0.41 -1.35 -24.94
N SER A 346 -0.45 -1.35 -23.60
CA SER A 346 -0.47 -2.59 -22.85
C SER A 346 -1.80 -3.32 -22.99
N ASP A 347 -1.74 -4.66 -22.92
CA ASP A 347 -2.94 -5.47 -23.05
C ASP A 347 -3.66 -5.60 -21.72
N VAL A 348 -2.93 -5.85 -20.64
CA VAL A 348 -3.50 -6.07 -19.32
C VAL A 348 -2.77 -5.22 -18.29
N TYR A 349 -3.40 -5.04 -17.13
CA TYR A 349 -2.73 -4.37 -16.02
C TYR A 349 -1.86 -5.36 -15.25
N LEU A 350 -2.39 -6.57 -15.07
CA LEU A 350 -1.86 -7.61 -14.18
C LEU A 350 -2.32 -8.96 -14.71
N SER A 351 -1.37 -9.80 -15.13
CA SER A 351 -1.71 -11.14 -15.56
C SER A 351 -2.24 -11.95 -14.38
N SER A 352 -2.86 -13.08 -14.69
CA SER A 352 -3.34 -13.98 -13.65
C SER A 352 -2.21 -14.30 -12.66
N ARG A 353 -1.05 -14.72 -13.18
CA ARG A 353 0.07 -15.09 -12.32
C ARG A 353 0.62 -13.89 -11.57
N ASP A 354 0.86 -12.78 -12.29
CA ASP A 354 1.26 -11.54 -11.63
C ASP A 354 0.36 -11.27 -10.43
N ARG A 355 -0.95 -11.51 -10.61
CA ARG A 355 -1.93 -11.23 -9.58
C ARG A 355 -1.82 -12.20 -8.43
N GLN A 356 -1.54 -13.48 -8.71
CA GLN A 356 -1.29 -14.41 -7.62
C GLN A 356 -0.15 -13.92 -6.74
N ILE A 357 0.90 -13.39 -7.37
CA ILE A 357 2.05 -12.93 -6.58
C ILE A 357 1.68 -11.67 -5.80
N LEU A 358 0.92 -10.77 -6.43
CA LEU A 358 0.38 -9.63 -5.70
C LEU A 358 -0.44 -10.11 -4.50
N ASP A 359 -1.15 -11.22 -4.66
CA ASP A 359 -1.89 -11.80 -3.55
C ASP A 359 -0.94 -12.25 -2.45
N TRP A 360 0.21 -12.82 -2.82
CA TRP A 360 1.20 -13.17 -1.81
C TRP A 360 1.60 -11.95 -0.99
N HIS A 361 1.87 -10.83 -1.67
CA HIS A 361 2.24 -9.61 -0.95
C HIS A 361 1.10 -9.12 -0.05
N PHE A 362 -0.12 -9.11 -0.57
CA PHE A 362 -1.28 -8.76 0.26
C PHE A 362 -1.35 -9.66 1.48
N ALA A 363 -0.96 -10.93 1.32
CA ALA A 363 -1.03 -11.88 2.44
C ALA A 363 0.03 -11.57 3.48
N ASN A 364 1.23 -11.16 3.03
CA ASN A 364 2.23 -10.68 4.00
C ASN A 364 1.67 -9.52 4.81
N LEU A 365 1.06 -8.55 4.13
CA LEU A 365 0.47 -7.42 4.85
C LEU A 365 -0.62 -7.89 5.82
N GLU A 366 -1.44 -8.86 5.40
CA GLU A 366 -2.46 -9.40 6.29
C GLU A 366 -1.83 -10.12 7.48
N PHE A 367 -0.65 -10.72 7.28
CA PHE A 367 0.02 -11.44 8.36
C PHE A 367 0.54 -10.47 9.42
N ALA A 368 1.21 -9.40 8.99
CA ALA A 368 1.79 -8.46 9.95
C ALA A 368 0.73 -7.68 10.73
N ASN A 369 -0.44 -7.45 10.12
CA ASN A 369 -1.56 -6.81 10.78
C ASN A 369 -2.56 -7.83 11.32
N ALA A 370 -2.32 -9.12 11.08
CA ALA A 370 -3.09 -10.21 11.66
C ALA A 370 -4.59 -10.01 11.46
N THR A 371 -4.98 -9.77 10.21
CA THR A 371 -6.40 -9.66 9.88
C THR A 371 -6.61 -9.52 8.38
N PRO A 372 -7.70 -10.05 7.84
CA PRO A 372 -8.02 -9.77 6.43
C PRO A 372 -8.07 -8.26 6.17
N LEU A 373 -7.49 -7.86 5.04
CA LEU A 373 -7.46 -6.43 4.71
C LEU A 373 -8.86 -5.84 4.61
N SER A 374 -9.89 -6.68 4.45
CA SER A 374 -11.26 -6.19 4.43
C SER A 374 -11.73 -5.71 5.80
N THR A 375 -10.93 -5.90 6.85
CA THR A 375 -11.31 -5.53 8.19
C THR A 375 -10.59 -4.28 8.69
N LEU A 376 -9.56 -3.83 7.99
CA LEU A 376 -8.75 -2.71 8.45
C LEU A 376 -9.33 -1.39 7.97
N SER A 377 -9.16 -0.36 8.79
CA SER A 377 -9.62 0.98 8.43
C SER A 377 -8.65 1.65 7.48
N LEU A 378 -9.16 2.13 6.34
CA LEU A 378 -8.30 2.78 5.36
C LEU A 378 -7.61 4.02 5.95
N LYS A 379 -8.22 4.63 6.97
CA LYS A 379 -7.79 5.92 7.47
C LYS A 379 -6.92 5.82 8.72
N HIS A 380 -7.01 4.73 9.47
CA HIS A 380 -6.31 4.67 10.73
C HIS A 380 -5.61 3.34 10.97
N TRP A 381 -5.40 2.53 9.93
CA TRP A 381 -4.73 1.25 10.13
C TRP A 381 -3.23 1.41 10.34
N ASP A 382 -2.64 2.46 9.76
CA ASP A 382 -1.22 2.74 9.91
C ASP A 382 -0.95 3.86 10.90
N GLN A 383 -1.86 4.10 11.83
CA GLN A 383 -1.69 5.20 12.78
C GLN A 383 -0.52 5.00 13.73
N ASP A 384 0.07 3.79 13.77
CA ASP A 384 1.20 3.52 14.62
C ASP A 384 2.54 3.63 13.89
N ASP A 385 2.52 3.96 12.60
CA ASP A 385 3.75 4.01 11.83
C ASP A 385 4.63 5.18 12.24
N ASP A 386 4.04 6.30 12.64
CA ASP A 386 4.82 7.46 13.04
C ASP A 386 5.65 7.22 14.30
N PHE A 387 5.40 6.13 15.02
CA PHE A 387 6.11 5.83 16.26
C PHE A 387 6.99 4.59 16.14
N GLU A 388 7.27 4.13 14.93
CA GLU A 388 8.10 2.95 14.74
C GLU A 388 9.53 3.20 15.24
N PHE A 389 10.15 2.16 15.79
CA PHE A 389 11.50 2.24 16.31
C PHE A 389 12.50 2.18 15.17
N THR A 390 13.69 2.69 15.42
CA THR A 390 14.73 2.75 14.41
C THR A 390 15.63 1.54 14.53
N GLY A 391 16.15 1.08 13.41
CA GLY A 391 17.05 -0.06 13.41
C GLY A 391 16.45 -1.23 12.66
N SER A 392 17.18 -2.33 12.70
CA SER A 392 16.77 -3.53 12.00
C SER A 392 15.92 -4.42 12.90
N HIS A 393 14.89 -5.02 12.30
CA HIS A 393 13.99 -5.89 13.05
C HIS A 393 14.68 -7.20 13.35
N LEU A 394 14.43 -7.75 14.52
CA LEU A 394 15.29 -8.80 15.03
C LEU A 394 14.45 -9.98 15.46
N THR A 395 15.10 -11.12 15.70
CA THR A 395 14.42 -12.28 16.23
C THR A 395 15.05 -12.72 17.55
N VAL A 396 14.28 -13.49 18.33
CA VAL A 396 14.72 -14.05 19.62
C VAL A 396 15.03 -15.53 19.40
N ARG A 397 16.31 -15.88 19.54
CA ARG A 397 16.77 -17.22 19.19
C ARG A 397 16.65 -18.22 20.34
N ASN A 398 16.74 -17.76 21.58
CA ASN A 398 16.69 -18.66 22.74
C ASN A 398 15.28 -18.90 23.26
N GLY A 399 14.26 -18.29 22.65
CA GLY A 399 12.94 -18.28 23.25
C GLY A 399 12.69 -17.00 24.04
N TYR A 400 11.82 -16.15 23.49
CA TYR A 400 11.34 -14.89 24.06
C TYR A 400 10.53 -15.10 25.35
N SER A 401 10.16 -16.36 25.65
CA SER A 401 9.67 -16.69 26.99
C SER A 401 10.65 -16.26 28.07
N CYS A 402 11.93 -16.13 27.72
CA CYS A 402 12.93 -15.71 28.69
C CYS A 402 12.52 -14.43 29.39
N VAL A 403 11.80 -13.56 28.70
CA VAL A 403 11.44 -12.26 29.28
C VAL A 403 10.36 -12.45 30.34
N PRO A 404 9.18 -12.97 29.99
CA PRO A 404 8.12 -13.08 31.00
C PRO A 404 8.54 -13.85 32.24
N VAL A 405 9.16 -15.02 32.05
CA VAL A 405 9.61 -15.84 33.18
C VAL A 405 10.47 -15.00 34.12
N ALA A 406 11.49 -14.34 33.57
CA ALA A 406 12.38 -13.54 34.40
C ALA A 406 11.63 -12.44 35.13
N LEU A 407 10.58 -11.89 34.50
CA LEU A 407 9.79 -10.85 35.15
C LEU A 407 8.87 -11.40 36.23
N ALA A 408 8.67 -12.72 36.29
CA ALA A 408 7.82 -13.33 37.29
C ALA A 408 8.58 -13.76 38.54
N GLU A 409 9.89 -13.52 38.60
CA GLU A 409 10.66 -13.89 39.76
C GLU A 409 10.37 -12.96 40.93
N GLY A 410 10.00 -13.54 42.06
CA GLY A 410 9.69 -12.82 43.28
C GLY A 410 8.30 -12.24 43.32
N LEU A 411 7.42 -12.63 42.42
CA LEU A 411 6.04 -12.16 42.39
C LEU A 411 5.11 -13.27 42.83
N ASP A 412 3.91 -12.88 43.26
CA ASP A 412 2.92 -13.80 43.82
C ASP A 412 1.89 -14.11 42.74
N ILE A 413 2.29 -15.01 41.84
CA ILE A 413 1.42 -15.45 40.76
C ILE A 413 0.64 -16.67 41.23
N LYS A 414 -0.68 -16.65 41.03
CA LYS A 414 -1.56 -17.77 41.34
C LYS A 414 -1.96 -18.40 40.01
N LEU A 415 -1.18 -19.37 39.55
CA LEU A 415 -1.45 -20.01 38.27
C LEU A 415 -2.64 -20.95 38.39
N ASN A 416 -3.17 -21.34 37.22
CA ASN A 416 -4.33 -22.22 37.14
C ASN A 416 -5.53 -21.64 37.87
N THR A 417 -5.66 -20.32 37.84
CA THR A 417 -6.64 -19.63 38.66
C THR A 417 -7.36 -18.66 37.71
N ALA A 418 -8.61 -18.95 37.37
CA ALA A 418 -9.30 -18.19 36.33
C ALA A 418 -10.37 -17.31 36.92
N VAL A 419 -10.35 -16.03 36.56
CA VAL A 419 -11.30 -15.07 37.11
C VAL A 419 -12.65 -15.25 36.44
N ARG A 420 -13.71 -15.25 37.25
CA ARG A 420 -15.07 -15.37 36.73
C ARG A 420 -15.87 -14.09 36.89
N GLN A 421 -15.55 -13.29 37.92
CA GLN A 421 -16.29 -12.08 38.23
C GLN A 421 -15.37 -11.07 38.90
N VAL A 422 -15.46 -9.82 38.47
CA VAL A 422 -14.73 -8.70 39.04
C VAL A 422 -15.74 -7.73 39.62
N ARG A 423 -15.72 -7.56 40.94
CA ARG A 423 -16.65 -6.68 41.64
C ARG A 423 -15.88 -5.45 42.14
N TYR A 424 -16.40 -4.26 41.81
CA TYR A 424 -15.76 -3.02 42.23
C TYR A 424 -16.78 -2.09 42.85
N THR A 425 -16.45 -1.55 44.03
CA THR A 425 -17.33 -0.65 44.76
C THR A 425 -16.51 0.52 45.29
N ALA A 426 -17.18 1.45 45.97
CA ALA A 426 -16.51 2.60 46.55
C ALA A 426 -15.73 2.28 47.81
N SER A 427 -15.79 1.04 48.30
CA SER A 427 -15.03 0.62 49.46
C SER A 427 -13.87 -0.31 49.13
N GLY A 428 -13.90 -0.96 47.97
CA GLY A 428 -12.88 -1.92 47.61
C GLY A 428 -13.34 -2.73 46.40
N CYS A 429 -12.67 -3.86 46.20
CA CYS A 429 -12.95 -4.72 45.05
C CYS A 429 -12.86 -6.18 45.45
N GLU A 430 -13.67 -6.99 44.79
CA GLU A 430 -13.72 -8.43 45.05
C GLU A 430 -13.61 -9.15 43.70
N VAL A 431 -12.55 -9.94 43.55
CA VAL A 431 -12.34 -10.77 42.38
C VAL A 431 -12.67 -12.21 42.75
N ILE A 432 -13.67 -12.78 42.09
CA ILE A 432 -14.01 -14.18 42.26
C ILE A 432 -13.32 -14.96 41.16
N ALA A 433 -12.72 -16.09 41.53
CA ALA A 433 -12.01 -16.94 40.58
C ALA A 433 -12.29 -18.39 40.93
N VAL A 434 -11.85 -19.28 40.04
CA VAL A 434 -12.01 -20.72 40.21
C VAL A 434 -10.68 -21.38 39.83
N ASN A 435 -10.59 -22.67 40.12
CA ASN A 435 -9.44 -23.47 39.71
C ASN A 435 -9.72 -24.06 38.33
N THR A 436 -8.83 -23.79 37.38
CA THR A 436 -9.04 -24.28 36.02
C THR A 436 -9.15 -25.80 35.98
N ARG A 437 -8.52 -26.49 36.93
CA ARG A 437 -8.56 -27.94 37.01
C ARG A 437 -9.82 -28.44 37.72
N SER A 438 -10.19 -27.81 38.84
CA SER A 438 -11.42 -28.13 39.56
C SER A 438 -12.26 -26.86 39.62
N THR A 439 -13.21 -26.70 38.70
CA THR A 439 -13.99 -25.47 38.61
C THR A 439 -14.79 -25.20 39.87
N SER A 440 -15.01 -26.25 40.66
CA SER A 440 -15.85 -26.17 41.84
C SER A 440 -15.10 -25.50 42.99
N GLN A 441 -13.77 -25.54 43.00
CA GLN A 441 -13.01 -24.78 43.99
C GLN A 441 -13.08 -23.28 43.66
N THR A 442 -13.77 -22.51 44.51
CA THR A 442 -13.95 -21.07 44.31
C THR A 442 -13.05 -20.30 45.26
N PHE A 443 -12.51 -19.17 44.77
CA PHE A 443 -11.58 -18.33 45.51
C PHE A 443 -12.07 -16.89 45.47
N ILE A 444 -11.94 -16.19 46.59
CA ILE A 444 -12.35 -14.80 46.71
C ILE A 444 -11.13 -13.97 47.12
N TYR A 445 -10.75 -13.02 46.26
CA TYR A 445 -9.63 -12.13 46.55
C TYR A 445 -10.19 -10.72 46.73
N LYS A 446 -9.93 -10.13 47.90
CA LYS A 446 -10.37 -8.78 48.21
C LYS A 446 -9.20 -7.82 48.07
N CYS A 447 -9.48 -6.63 47.52
CA CYS A 447 -8.42 -5.75 47.05
C CYS A 447 -8.81 -4.29 47.18
N ASP A 448 -7.80 -3.43 47.14
CA ASP A 448 -8.01 -2.01 47.00
C ASP A 448 -8.09 -1.59 45.54
N ALA A 449 -7.45 -2.33 44.63
CA ALA A 449 -7.58 -2.06 43.21
C ALA A 449 -7.46 -3.33 42.41
N VAL A 450 -8.03 -3.31 41.21
CA VAL A 450 -7.91 -4.39 40.24
C VAL A 450 -7.29 -3.83 38.97
N LEU A 451 -6.38 -4.58 38.38
CA LEU A 451 -5.78 -4.23 37.09
C LEU A 451 -6.13 -5.32 36.09
N CYS A 452 -7.04 -5.02 35.17
CA CYS A 452 -7.48 -5.98 34.17
C CYS A 452 -6.52 -5.93 32.99
N THR A 453 -5.79 -7.03 32.77
CA THR A 453 -4.97 -7.19 31.57
C THR A 453 -5.55 -8.24 30.63
N LEU A 454 -6.83 -8.54 30.76
CA LEU A 454 -7.44 -9.58 29.95
C LEU A 454 -7.37 -9.19 28.47
N PRO A 455 -7.07 -10.15 27.58
CA PRO A 455 -7.02 -9.82 26.15
C PRO A 455 -8.35 -9.26 25.65
N LEU A 456 -8.28 -8.44 24.60
CA LEU A 456 -9.50 -7.88 24.02
C LEU A 456 -10.44 -8.98 23.54
N GLY A 457 -9.89 -10.09 23.07
CA GLY A 457 -10.72 -11.20 22.66
C GLY A 457 -11.53 -11.78 23.82
N VAL A 458 -10.94 -11.79 25.01
CA VAL A 458 -11.68 -12.23 26.19
C VAL A 458 -12.74 -11.19 26.56
N LEU A 459 -12.36 -9.91 26.53
CA LEU A 459 -13.31 -8.85 26.84
C LEU A 459 -14.42 -8.74 25.81
N LYS A 460 -14.18 -9.20 24.58
CA LYS A 460 -15.21 -9.19 23.56
C LYS A 460 -16.18 -10.37 23.70
N GLN A 461 -15.81 -11.37 24.49
CA GLN A 461 -16.57 -12.61 24.56
C GLN A 461 -18.02 -12.35 24.98
N GLN A 462 -18.96 -12.90 24.20
CA GLN A 462 -20.39 -12.84 24.45
C GLN A 462 -20.96 -14.17 23.96
N PRO A 463 -21.37 -15.08 24.86
CA PRO A 463 -21.57 -14.87 26.30
C PRO A 463 -20.29 -14.62 27.09
N PRO A 464 -20.34 -13.68 28.05
CA PRO A 464 -19.13 -13.26 28.73
C PRO A 464 -18.51 -14.40 29.53
N ALA A 465 -17.18 -14.40 29.60
CA ALA A 465 -16.42 -15.30 30.46
C ALA A 465 -16.06 -14.68 31.80
N VAL A 466 -15.94 -13.35 31.84
CA VAL A 466 -15.70 -12.61 33.07
C VAL A 466 -16.79 -11.55 33.20
N GLN A 467 -17.53 -11.59 34.30
CA GLN A 467 -18.61 -10.64 34.52
C GLN A 467 -18.15 -9.50 35.42
N PHE A 468 -18.42 -8.28 35.01
CA PHE A 468 -18.07 -7.09 35.78
C PHE A 468 -19.30 -6.59 36.55
N VAL A 469 -19.15 -6.45 37.86
CA VAL A 469 -20.24 -5.99 38.73
C VAL A 469 -19.75 -4.80 39.54
N PRO A 470 -20.31 -3.59 39.34
CA PRO A 470 -21.39 -3.24 38.40
C PRO A 470 -20.96 -3.37 36.93
N PRO A 471 -21.92 -3.51 36.02
CA PRO A 471 -21.57 -3.70 34.61
C PRO A 471 -20.69 -2.55 34.10
N LEU A 472 -19.84 -2.86 33.13
CA LEU A 472 -18.93 -1.87 32.59
C LEU A 472 -19.70 -0.84 31.76
N PRO A 473 -19.33 0.44 31.83
CA PRO A 473 -20.09 1.47 31.13
C PRO A 473 -20.04 1.31 29.61
N GLU A 474 -21.01 1.95 28.95
CA GLU A 474 -21.15 1.78 27.51
C GLU A 474 -19.98 2.40 26.75
N TRP A 475 -19.41 3.50 27.25
CA TRP A 475 -18.30 4.13 26.55
C TRP A 475 -17.09 3.21 26.46
N LYS A 476 -17.05 2.15 27.27
CA LYS A 476 -16.01 1.14 27.22
C LYS A 476 -16.41 -0.06 26.38
N THR A 477 -17.65 -0.55 26.57
CA THR A 477 -18.08 -1.72 25.82
C THR A 477 -18.16 -1.42 24.32
N SER A 478 -18.65 -0.26 23.92
CA SER A 478 -18.70 0.02 22.48
C SER A 478 -17.29 0.10 21.91
N ALA A 479 -16.32 0.63 22.68
CA ALA A 479 -14.94 0.62 22.18
C ALA A 479 -14.45 -0.81 22.02
N VAL A 480 -14.79 -1.67 22.98
CA VAL A 480 -14.38 -3.07 22.90
C VAL A 480 -14.96 -3.72 21.65
N GLN A 481 -16.21 -3.42 21.33
CA GLN A 481 -16.85 -4.03 20.17
C GLN A 481 -16.30 -3.44 18.88
N ARG A 482 -15.96 -2.15 18.87
CA ARG A 482 -15.48 -1.50 17.66
C ARG A 482 -14.07 -1.96 17.30
N MET A 483 -13.18 -2.01 18.28
CA MET A 483 -11.81 -2.41 18.03
C MET A 483 -11.74 -3.86 17.54
N GLY A 484 -10.76 -4.14 16.71
CA GLY A 484 -10.62 -5.43 16.09
C GLY A 484 -9.52 -6.31 16.86
N PHE A 485 -9.84 -7.57 16.95
CA PHE A 485 -8.89 -8.57 17.47
C PHE A 485 -8.71 -9.62 16.39
N GLY A 486 -7.47 -9.83 15.96
CA GLY A 486 -7.17 -10.62 14.79
C GLY A 486 -6.75 -12.05 15.08
N ASN A 487 -6.21 -12.71 14.06
CA ASN A 487 -5.70 -14.07 14.22
C ASN A 487 -4.59 -14.33 13.21
N LEU A 488 -3.48 -14.88 13.70
CA LEU A 488 -2.42 -15.43 12.86
C LEU A 488 -1.95 -16.72 13.51
N ASN A 489 -1.43 -17.65 12.70
CA ASN A 489 -1.04 -18.96 13.25
C ASN A 489 0.29 -19.41 12.70
N LYS A 490 0.89 -20.38 13.38
CA LYS A 490 2.18 -20.93 13.00
C LYS A 490 2.12 -22.46 13.02
N VAL A 491 3.02 -23.06 12.24
CA VAL A 491 3.23 -24.50 12.23
C VAL A 491 4.72 -24.72 12.43
N VAL A 492 5.09 -25.22 13.61
CA VAL A 492 6.49 -25.49 13.94
C VAL A 492 6.84 -26.88 13.42
N LEU A 493 7.86 -26.95 12.56
CA LEU A 493 8.28 -28.20 11.94
C LEU A 493 9.73 -28.45 12.30
N CYS A 494 9.97 -29.44 13.17
CA CYS A 494 11.30 -29.88 13.53
C CYS A 494 11.71 -31.04 12.62
N PHE A 495 13.00 -31.13 12.33
CA PHE A 495 13.45 -32.05 11.30
C PHE A 495 14.74 -32.73 11.68
N ASP A 496 15.01 -33.83 10.98
CA ASP A 496 16.33 -34.43 10.97
C ASP A 496 17.41 -33.37 10.86
N ARG A 497 17.39 -32.63 9.75
CA ARG A 497 18.47 -31.73 9.40
C ARG A 497 17.96 -30.67 8.43
N VAL A 498 18.85 -29.72 8.14
CA VAL A 498 18.55 -28.65 7.21
C VAL A 498 18.52 -29.21 5.79
N PHE A 499 17.38 -29.05 5.11
CA PHE A 499 17.26 -29.35 3.70
C PHE A 499 17.04 -28.10 2.85
N TRP A 500 17.06 -26.93 3.47
CA TRP A 500 16.86 -25.65 2.80
C TRP A 500 18.19 -24.92 2.66
N ASP A 501 18.12 -23.67 2.19
CA ASP A 501 19.28 -22.83 2.02
C ASP A 501 19.59 -22.12 3.34
N PRO A 502 20.61 -22.56 4.08
CA PRO A 502 20.91 -21.88 5.35
C PRO A 502 21.14 -20.38 5.20
N SER A 503 21.43 -19.90 3.99
CA SER A 503 21.72 -18.49 3.78
C SER A 503 20.47 -17.65 3.61
N VAL A 504 19.30 -18.25 3.51
CA VAL A 504 18.04 -17.53 3.39
C VAL A 504 17.24 -17.80 4.66
N ASN A 505 16.72 -16.73 5.28
CA ASN A 505 15.93 -16.85 6.49
C ASN A 505 14.44 -16.94 6.20
N LEU A 506 13.99 -16.41 5.07
CA LEU A 506 12.59 -16.45 4.68
C LEU A 506 12.48 -16.96 3.26
N PHE A 507 11.53 -17.86 3.00
CA PHE A 507 11.17 -18.21 1.62
C PHE A 507 9.68 -18.49 1.55
N GLY A 508 9.06 -18.06 0.45
CA GLY A 508 7.62 -17.92 0.37
C GLY A 508 6.98 -18.90 -0.58
N HIS A 509 5.65 -18.94 -0.51
CA HIS A 509 4.87 -19.73 -1.46
C HIS A 509 3.69 -18.94 -1.95
N VAL A 510 3.57 -18.85 -3.26
CA VAL A 510 2.45 -18.16 -3.86
C VAL A 510 1.27 -19.11 -3.95
N GLY A 511 0.09 -18.60 -3.61
CA GLY A 511 -1.09 -19.42 -3.57
C GLY A 511 -1.84 -19.46 -4.88
N SER A 512 -2.66 -20.50 -5.06
CA SER A 512 -3.41 -20.65 -6.30
C SER A 512 -4.53 -19.63 -6.39
N THR A 513 -5.18 -19.35 -5.26
CA THR A 513 -6.36 -18.50 -5.23
C THR A 513 -6.12 -17.30 -4.32
N THR A 514 -6.90 -16.24 -4.56
CA THR A 514 -6.88 -15.10 -3.65
C THR A 514 -7.38 -15.51 -2.27
N ALA A 515 -8.32 -16.45 -2.20
CA ALA A 515 -8.86 -16.86 -0.91
C ALA A 515 -7.86 -17.68 -0.12
N SER A 516 -6.90 -18.30 -0.80
CA SER A 516 -5.90 -19.14 -0.14
C SER A 516 -4.53 -18.47 -0.10
N ARG A 517 -4.49 -17.14 -0.14
CA ARG A 517 -3.21 -16.44 -0.18
C ARG A 517 -2.47 -16.51 1.15
N GLY A 518 -3.15 -16.89 2.23
CA GLY A 518 -2.50 -16.96 3.52
C GLY A 518 -2.15 -18.39 3.90
N GLU A 519 -2.72 -19.36 3.18
CA GLU A 519 -2.49 -20.75 3.54
C GLU A 519 -1.02 -21.13 3.37
N LEU A 520 -0.32 -21.23 4.49
CA LEU A 520 1.09 -21.61 4.54
C LEU A 520 1.87 -20.79 3.51
N PHE A 521 1.85 -19.46 3.68
CA PHE A 521 2.40 -18.58 2.67
C PHE A 521 3.87 -18.25 2.87
N LEU A 522 4.44 -18.52 4.05
CA LEU A 522 5.83 -18.17 4.27
C LEU A 522 6.45 -19.24 5.13
N PHE A 523 7.65 -19.70 4.82
CA PHE A 523 8.42 -20.51 5.75
C PHE A 523 9.68 -19.78 6.22
N TRP A 524 9.99 -19.93 7.51
CA TRP A 524 10.93 -19.08 8.23
C TRP A 524 11.91 -19.94 9.01
N ASN A 525 13.21 -19.66 8.87
CA ASN A 525 14.24 -20.26 9.71
C ASN A 525 14.94 -19.14 10.49
N LEU A 526 15.15 -19.38 11.78
CA LEU A 526 15.69 -18.37 12.68
C LEU A 526 16.36 -18.98 13.89
N TYR A 527 16.54 -20.29 13.94
CA TYR A 527 17.07 -20.99 15.11
C TYR A 527 18.33 -21.76 14.76
N LYS A 528 18.99 -22.28 15.80
CA LYS A 528 20.20 -23.07 15.66
C LYS A 528 19.85 -24.45 15.11
N ALA A 529 18.71 -24.95 15.58
CA ALA A 529 18.25 -26.31 15.34
C ALA A 529 17.55 -26.37 14.00
N PRO A 530 17.32 -27.57 13.49
CA PRO A 530 16.62 -27.75 12.20
C PRO A 530 15.11 -27.54 12.34
N ILE A 531 14.71 -26.28 12.45
CA ILE A 531 13.31 -25.92 12.61
C ILE A 531 12.91 -24.95 11.49
N LEU A 532 11.72 -25.18 10.93
CA LEU A 532 11.09 -24.25 9.99
C LEU A 532 9.70 -23.92 10.49
N LEU A 533 9.33 -22.65 10.45
CA LEU A 533 8.03 -22.18 10.89
C LEU A 533 7.21 -21.79 9.66
N ALA A 534 6.04 -22.40 9.51
CA ALA A 534 5.14 -22.16 8.39
C ALA A 534 3.99 -21.27 8.85
N LEU A 535 3.82 -20.13 8.19
CA LEU A 535 2.95 -19.08 8.70
C LEU A 535 1.61 -19.09 7.99
N VAL A 536 0.53 -18.95 8.78
CA VAL A 536 -0.83 -18.93 8.27
C VAL A 536 -1.44 -17.58 8.62
N ALA A 537 -1.98 -16.88 7.63
CA ALA A 537 -2.50 -15.54 7.84
C ALA A 537 -3.81 -15.36 7.10
N GLY A 538 -4.40 -14.17 7.28
CA GLY A 538 -5.60 -13.81 6.58
C GLY A 538 -6.76 -14.75 6.88
N GLU A 539 -7.76 -14.68 6.00
CA GLU A 539 -8.94 -15.51 6.13
C GLU A 539 -8.60 -16.99 6.25
N ALA A 540 -7.39 -17.38 5.83
CA ALA A 540 -7.01 -18.79 5.95
C ALA A 540 -6.91 -19.21 7.41
N ALA A 541 -6.32 -18.36 8.26
CA ALA A 541 -6.09 -18.71 9.65
C ALA A 541 -7.37 -19.28 10.28
N GLY A 542 -8.42 -18.46 10.33
CA GLY A 542 -9.64 -18.87 10.99
C GLY A 542 -10.21 -20.19 10.50
N ILE A 543 -9.94 -20.52 9.24
CA ILE A 543 -10.40 -21.79 8.68
C ILE A 543 -9.43 -22.93 9.01
N MET A 544 -8.11 -22.65 8.93
CA MET A 544 -7.13 -23.69 9.17
C MET A 544 -7.18 -24.23 10.60
N GLU A 545 -7.83 -23.51 11.51
CA GLU A 545 -7.98 -24.00 12.88
C GLU A 545 -9.02 -25.10 13.01
N ASN A 546 -9.80 -25.37 11.94
CA ASN A 546 -10.74 -26.47 11.93
C ASN A 546 -10.27 -27.60 11.01
N ILE A 547 -8.95 -27.70 10.83
CA ILE A 547 -8.32 -28.78 10.08
C ILE A 547 -7.33 -29.48 10.99
N SER A 548 -7.26 -30.81 10.88
CA SER A 548 -6.43 -31.59 11.77
C SER A 548 -4.97 -31.19 11.66
N ASP A 549 -4.21 -31.49 12.72
CA ASP A 549 -2.77 -31.28 12.69
C ASP A 549 -2.15 -31.94 11.48
N ASP A 550 -2.30 -33.27 11.39
CA ASP A 550 -1.59 -34.03 10.38
C ASP A 550 -1.86 -33.50 8.98
N VAL A 551 -3.07 -33.00 8.73
CA VAL A 551 -3.40 -32.55 7.38
C VAL A 551 -2.63 -31.28 7.06
N ILE A 552 -2.51 -30.39 8.05
CA ILE A 552 -1.72 -29.17 7.90
C ILE A 552 -0.25 -29.51 7.69
N VAL A 553 0.30 -30.38 8.53
CA VAL A 553 1.70 -30.78 8.38
C VAL A 553 1.92 -31.42 7.03
N GLY A 554 0.91 -32.13 6.51
CA GLY A 554 1.06 -32.75 5.21
C GLY A 554 1.07 -31.73 4.08
N ARG A 555 0.20 -30.74 4.14
CA ARG A 555 0.26 -29.65 3.17
C ARG A 555 1.61 -28.95 3.22
N CYS A 556 2.13 -28.73 4.43
CA CYS A 556 3.43 -28.11 4.58
C CYS A 556 4.51 -28.95 3.89
N LEU A 557 4.60 -30.22 4.27
CA LEU A 557 5.59 -31.11 3.66
C LEU A 557 5.40 -31.21 2.16
N ALA A 558 4.16 -31.11 1.68
CA ALA A 558 3.90 -31.19 0.25
C ALA A 558 4.50 -30.01 -0.50
N ILE A 559 4.24 -28.78 -0.04
CA ILE A 559 4.87 -27.66 -0.72
C ILE A 559 6.40 -27.71 -0.55
N LEU A 560 6.90 -28.10 0.64
CA LEU A 560 8.35 -28.18 0.79
C LEU A 560 8.96 -29.19 -0.18
N LYS A 561 8.24 -30.29 -0.44
CA LYS A 561 8.72 -31.29 -1.40
C LYS A 561 8.68 -30.74 -2.81
N GLY A 562 7.60 -30.06 -3.17
CA GLY A 562 7.53 -29.43 -4.47
C GLY A 562 8.65 -28.41 -4.69
N ILE A 563 9.14 -27.82 -3.61
CA ILE A 563 10.17 -26.80 -3.72
C ILE A 563 11.57 -27.42 -3.78
N PHE A 564 11.90 -28.27 -2.81
CA PHE A 564 13.25 -28.77 -2.65
C PHE A 564 13.43 -30.21 -3.14
N GLY A 565 12.34 -30.91 -3.42
CA GLY A 565 12.43 -32.27 -3.91
C GLY A 565 11.92 -33.27 -2.89
N SER A 566 11.18 -34.26 -3.37
CA SER A 566 10.60 -35.27 -2.48
C SER A 566 11.67 -36.05 -1.74
N SER A 567 12.91 -36.04 -2.22
CA SER A 567 13.98 -36.78 -1.56
C SER A 567 14.76 -35.96 -0.56
N ALA A 568 14.47 -34.66 -0.43
CA ALA A 568 15.19 -33.77 0.48
C ALA A 568 14.38 -33.37 1.71
N VAL A 569 13.07 -33.55 1.65
CA VAL A 569 12.26 -33.40 2.92
C VAL A 569 12.22 -34.71 3.56
N PRO A 570 12.85 -34.76 4.83
CA PRO A 570 12.50 -35.81 5.79
C PRO A 570 11.15 -35.55 6.43
N GLN A 571 10.55 -36.63 6.94
CA GLN A 571 9.33 -36.49 7.74
C GLN A 571 9.66 -35.79 9.06
N PRO A 572 8.80 -34.89 9.53
CA PRO A 572 9.18 -34.07 10.69
C PRO A 572 9.27 -34.88 11.97
N LYS A 573 10.25 -34.54 12.81
CA LYS A 573 10.41 -35.20 14.10
C LYS A 573 9.29 -34.80 15.07
N GLU A 574 9.18 -33.51 15.36
CA GLU A 574 8.17 -32.95 16.25
C GLU A 574 7.41 -31.90 15.47
N THR A 575 6.10 -31.84 15.67
CA THR A 575 5.29 -30.88 14.92
C THR A 575 4.39 -30.16 15.91
N VAL A 576 4.29 -28.84 15.80
CA VAL A 576 3.32 -28.12 16.62
C VAL A 576 2.48 -27.24 15.72
N VAL A 577 1.22 -27.01 16.12
CA VAL A 577 0.31 -26.19 15.33
C VAL A 577 -0.41 -25.21 16.24
N SER A 578 -0.35 -23.93 15.89
CA SER A 578 -1.03 -22.91 16.67
C SER A 578 -2.50 -22.84 16.34
N ARG A 579 -3.30 -22.42 17.34
CA ARG A 579 -4.74 -22.20 17.18
C ARG A 579 -5.11 -21.12 18.21
N TRP A 580 -4.77 -19.86 17.87
CA TRP A 580 -4.88 -18.79 18.85
C TRP A 580 -6.32 -18.32 19.03
N ARG A 581 -7.11 -18.30 17.95
CA ARG A 581 -8.49 -17.85 18.07
C ARG A 581 -9.31 -18.80 18.93
N ALA A 582 -8.91 -20.07 19.01
CA ALA A 582 -9.62 -21.05 19.83
C ALA A 582 -9.16 -21.05 21.27
N ASP A 583 -7.95 -20.55 21.56
CA ASP A 583 -7.44 -20.45 22.92
C ASP A 583 -8.45 -19.70 23.79
N PRO A 584 -9.09 -20.37 24.75
CA PRO A 584 -10.07 -19.67 25.59
C PRO A 584 -9.48 -18.50 26.38
N TRP A 585 -8.15 -18.42 26.52
CA TRP A 585 -7.52 -17.36 27.28
C TRP A 585 -6.89 -16.29 26.39
N ALA A 586 -7.16 -16.33 25.08
CA ALA A 586 -6.63 -15.34 24.16
C ALA A 586 -7.73 -14.85 23.24
N ARG A 587 -8.49 -15.78 22.67
CA ARG A 587 -9.60 -15.49 21.77
C ARG A 587 -9.13 -14.81 20.49
N GLY A 588 -7.87 -15.00 20.15
CA GLY A 588 -7.30 -14.39 18.98
C GLY A 588 -5.85 -14.08 19.21
N SER A 589 -5.35 -13.15 18.40
CA SER A 589 -3.93 -12.94 18.27
C SER A 589 -3.62 -11.54 18.81
N TYR A 590 -3.62 -10.51 17.98
CA TYR A 590 -3.44 -9.15 18.51
C TYR A 590 -4.38 -8.17 17.82
N SER A 591 -4.50 -6.97 18.39
CA SER A 591 -5.52 -6.02 17.95
C SER A 591 -5.16 -5.41 16.60
N TYR A 592 -6.18 -4.84 15.96
CA TYR A 592 -6.03 -4.11 14.70
C TYR A 592 -7.10 -3.03 14.67
N VAL A 593 -6.71 -1.83 14.25
CA VAL A 593 -7.65 -0.73 14.11
C VAL A 593 -8.62 -1.10 12.99
N ALA A 594 -9.86 -1.41 13.34
CA ALA A 594 -10.83 -1.89 12.38
C ALA A 594 -11.60 -0.73 11.75
N ALA A 595 -12.19 -1.00 10.59
CA ALA A 595 -13.05 -0.02 9.95
C ALA A 595 -14.20 0.36 10.89
N GLY A 596 -14.31 1.65 11.16
CA GLY A 596 -15.29 2.15 12.11
C GLY A 596 -14.71 2.53 13.45
N SER A 597 -13.42 2.30 13.66
CA SER A 597 -12.76 2.62 14.91
C SER A 597 -11.60 3.58 14.64
N SER A 598 -10.81 3.84 15.68
CA SER A 598 -9.70 4.76 15.57
C SER A 598 -8.73 4.47 16.71
N GLY A 599 -7.72 5.33 16.87
CA GLY A 599 -6.82 5.24 17.99
C GLY A 599 -7.40 5.76 19.28
N ASN A 600 -8.45 6.58 19.21
CA ASN A 600 -9.13 7.04 20.40
C ASN A 600 -9.79 5.89 21.16
N ASP A 601 -10.08 4.79 20.48
CA ASP A 601 -10.69 3.65 21.15
C ASP A 601 -9.68 2.93 22.04
N TYR A 602 -8.43 2.83 21.60
CA TYR A 602 -7.37 2.33 22.48
C TYR A 602 -7.34 3.15 23.77
N ASP A 603 -7.28 4.48 23.63
CA ASP A 603 -7.23 5.36 24.79
C ASP A 603 -8.45 5.17 25.68
N LEU A 604 -9.63 5.08 25.07
CA LEU A 604 -10.85 4.85 25.86
C LEU A 604 -10.74 3.55 26.65
N MET A 605 -10.25 2.49 26.01
CA MET A 605 -10.08 1.21 26.70
C MET A 605 -8.99 1.26 27.75
N ALA A 606 -8.13 2.28 27.73
CA ALA A 606 -7.13 2.45 28.77
C ALA A 606 -7.59 3.35 29.91
N GLN A 607 -8.83 3.89 29.84
CA GLN A 607 -9.32 4.82 30.86
C GLN A 607 -9.82 4.05 32.07
N PRO A 608 -9.48 4.51 33.28
CA PRO A 608 -9.89 3.77 34.49
C PRO A 608 -11.37 3.94 34.77
N ILE A 609 -11.96 2.88 35.32
CA ILE A 609 -13.36 2.88 35.73
C ILE A 609 -13.42 3.31 37.19
N THR A 610 -14.28 4.28 37.50
CA THR A 610 -14.44 4.75 38.86
C THR A 610 -15.82 4.36 39.38
N PRO A 611 -15.92 3.59 40.47
CA PRO A 611 -17.24 3.16 40.93
C PRO A 611 -18.16 4.33 41.25
N GLY A 612 -19.39 4.03 41.67
CA GLY A 612 -20.31 5.03 42.12
C GLY A 612 -20.36 5.07 43.64
N PRO A 613 -21.01 6.08 44.22
CA PRO A 613 -21.05 6.19 45.68
C PRO A 613 -21.94 5.11 46.28
N SER A 614 -21.50 4.47 47.37
CA SER A 614 -22.37 3.49 48.01
C SER A 614 -23.51 4.22 48.72
N ILE A 615 -23.18 5.17 49.59
CA ILE A 615 -24.22 5.95 50.26
C ILE A 615 -24.57 7.15 49.38
N PRO A 616 -25.84 7.42 49.12
CA PRO A 616 -26.19 8.60 48.31
C PRO A 616 -25.72 9.87 49.00
N GLY A 617 -25.15 10.77 48.21
CA GLY A 617 -24.63 12.02 48.75
C GLY A 617 -23.28 11.92 49.40
N ALA A 618 -22.50 10.88 49.07
CA ALA A 618 -21.16 10.68 49.59
C ALA A 618 -20.11 11.23 48.63
N PRO A 619 -18.94 11.61 49.13
CA PRO A 619 -17.91 12.17 48.25
C PRO A 619 -17.62 11.24 47.08
N GLN A 620 -17.25 11.83 45.96
CA GLN A 620 -16.96 11.05 44.75
C GLN A 620 -15.97 9.94 45.09
N PRO A 621 -16.29 8.67 44.80
CA PRO A 621 -15.32 7.60 45.06
C PRO A 621 -14.04 7.83 44.29
N ILE A 622 -13.06 6.96 44.54
CA ILE A 622 -11.80 7.02 43.81
C ILE A 622 -11.82 5.90 42.74
N PRO A 623 -11.02 6.02 41.69
CA PRO A 623 -11.12 4.94 40.67
C PRO A 623 -10.61 3.62 41.20
N ARG A 624 -11.18 2.54 40.72
CA ARG A 624 -10.85 1.26 41.34
C ARG A 624 -10.41 0.21 40.35
N LEU A 625 -10.99 0.21 39.16
CA LEU A 625 -10.71 -0.79 38.13
C LEU A 625 -9.87 -0.15 37.04
N PHE A 626 -8.62 -0.60 36.91
CA PHE A 626 -7.67 -0.09 35.94
C PHE A 626 -7.42 -1.13 34.87
N PHE A 627 -7.06 -0.65 33.67
CA PHE A 627 -6.91 -1.52 32.51
C PHE A 627 -5.54 -1.33 31.88
N ALA A 628 -4.94 -2.43 31.44
CA ALA A 628 -3.68 -2.41 30.72
C ALA A 628 -3.70 -3.50 29.65
N GLY A 629 -2.69 -3.48 28.79
CA GLY A 629 -2.55 -4.48 27.75
C GLY A 629 -2.24 -3.83 26.40
N GLU A 630 -1.94 -4.72 25.44
CA GLU A 630 -1.63 -4.26 24.09
C GLU A 630 -2.80 -3.52 23.46
N HIS A 631 -4.03 -3.80 23.89
CA HIS A 631 -5.20 -3.11 23.39
C HIS A 631 -5.47 -1.80 24.11
N THR A 632 -4.50 -1.29 24.87
CA THR A 632 -4.68 -0.09 25.67
C THR A 632 -3.65 0.99 25.35
N ILE A 633 -2.67 0.72 24.49
CA ILE A 633 -1.60 1.65 24.17
C ILE A 633 -1.79 2.07 22.72
N ARG A 634 -2.01 3.37 22.51
CA ARG A 634 -2.35 3.86 21.17
C ARG A 634 -1.12 3.89 20.26
N ASN A 635 -0.02 4.45 20.74
CA ASN A 635 1.15 4.66 19.88
C ASN A 635 1.98 3.41 19.67
N TYR A 636 1.69 2.32 20.38
CA TYR A 636 2.45 1.10 20.19
C TYR A 636 1.58 -0.14 20.36
N PRO A 637 0.54 -0.31 19.56
CA PRO A 637 -0.41 -1.40 19.80
C PRO A 637 0.13 -2.75 19.33
N ALA A 638 -0.51 -3.81 19.84
CA ALA A 638 -0.31 -5.18 19.36
C ALA A 638 1.17 -5.55 19.30
N THR A 639 1.87 -5.31 20.40
CA THR A 639 3.29 -5.58 20.54
C THR A 639 3.62 -5.83 22.01
N VAL A 640 4.74 -6.51 22.24
CA VAL A 640 5.18 -6.79 23.59
C VAL A 640 5.67 -5.53 24.28
N HIS A 641 6.41 -4.68 23.55
CA HIS A 641 6.85 -3.42 24.12
C HIS A 641 5.64 -2.53 24.47
N GLY A 642 4.58 -2.61 23.67
CA GLY A 642 3.36 -1.89 24.03
C GLY A 642 2.74 -2.39 25.32
N ALA A 643 2.71 -3.71 25.51
CA ALA A 643 2.15 -4.28 26.73
C ALA A 643 2.97 -3.86 27.95
N LEU A 644 4.29 -3.92 27.84
CA LEU A 644 5.15 -3.49 28.95
C LEU A 644 4.95 -1.99 29.23
N LEU A 645 4.89 -1.15 28.20
CA LEU A 645 4.64 0.27 28.43
C LEU A 645 3.30 0.48 29.13
N SER A 646 2.27 -0.27 28.71
CA SER A 646 0.96 -0.15 29.34
C SER A 646 1.02 -0.54 30.81
N GLY A 647 1.70 -1.64 31.12
CA GLY A 647 1.82 -2.06 32.51
C GLY A 647 2.51 -1.00 33.36
N LEU A 648 3.62 -0.45 32.85
CA LEU A 648 4.33 0.58 33.60
C LEU A 648 3.42 1.80 33.83
N ARG A 649 2.70 2.22 32.79
CA ARG A 649 1.79 3.34 32.92
C ARG A 649 0.74 3.11 34.00
N GLU A 650 0.08 1.95 33.95
CA GLU A 650 -0.98 1.70 34.92
C GLU A 650 -0.43 1.54 36.33
N ALA A 651 0.78 0.99 36.46
CA ALA A 651 1.42 0.96 37.78
C ALA A 651 1.62 2.38 38.31
N GLY A 652 2.14 3.27 37.46
CA GLY A 652 2.29 4.65 37.87
C GLY A 652 0.98 5.28 38.30
N ARG A 653 -0.09 5.03 37.54
CA ARG A 653 -1.39 5.61 37.87
C ARG A 653 -1.90 5.10 39.21
N ILE A 654 -1.89 3.79 39.40
CA ILE A 654 -2.38 3.20 40.63
C ILE A 654 -1.60 3.73 41.82
N ALA A 655 -0.27 3.81 41.69
CA ALA A 655 0.55 4.32 42.79
C ALA A 655 0.27 5.80 43.05
N ASP A 656 0.14 6.60 41.99
CA ASP A 656 -0.25 8.00 42.16
C ASP A 656 -1.51 8.12 42.98
N GLN A 657 -2.44 7.17 42.81
CA GLN A 657 -3.68 7.17 43.57
C GLN A 657 -3.45 6.71 45.02
N PHE A 658 -3.09 5.44 45.21
CA PHE A 658 -3.16 4.84 46.54
C PHE A 658 -1.92 5.05 47.41
N LEU A 659 -0.80 5.42 46.81
CA LEU A 659 0.41 5.73 47.56
C LEU A 659 0.72 7.23 47.58
N GLY A 660 0.07 8.02 46.72
CA GLY A 660 0.29 9.45 46.70
C GLY A 660 1.36 9.87 45.71
N LYS B 1 -1.43 15.01 -6.72
CA LYS B 1 -0.24 14.36 -6.21
C LYS B 1 -0.33 12.83 -6.11
N PRO B 2 -1.21 12.16 -6.88
CA PRO B 2 -1.26 10.69 -6.82
C PRO B 2 0.08 10.08 -7.07
N PRO B 3 0.19 8.76 -6.90
CA PRO B 3 1.48 8.10 -7.14
C PRO B 3 1.86 8.01 -8.61
N ALA B 4 3.10 7.60 -8.86
CA ALA B 4 3.59 7.39 -10.23
C ALA B 4 3.30 5.96 -10.65
N GLY B 5 2.66 5.81 -11.82
CA GLY B 5 2.16 4.52 -12.24
C GLY B 5 0.75 4.23 -11.80
N MET B 6 0.11 5.16 -11.11
CA MET B 6 -1.28 5.04 -10.67
C MET B 6 -2.07 6.21 -11.24
N PHE B 7 -3.28 5.92 -11.69
CA PHE B 7 -4.16 6.92 -12.30
C PHE B 7 -5.47 6.90 -11.54
N LEU B 8 -5.69 7.90 -10.70
CA LEU B 8 -6.83 7.95 -9.81
C LEU B 8 -7.39 9.36 -9.84
N SER B 9 -8.59 9.53 -10.40
CA SER B 9 -9.25 10.83 -10.36
C SER B 9 -10.59 10.68 -9.64
N GLN B 10 -11.01 11.78 -8.99
CA GLN B 10 -12.27 11.90 -8.28
C GLN B 10 -13.34 11.19 -9.09
N GLU B 11 -13.60 11.72 -10.28
CA GLU B 11 -14.70 11.22 -11.09
C GLU B 11 -14.68 9.72 -11.28
N ASP B 12 -13.53 9.15 -11.68
CA ASP B 12 -13.49 7.72 -11.97
C ASP B 12 -13.81 6.91 -10.72
N VAL B 13 -13.22 7.28 -9.59
CA VAL B 13 -13.59 6.66 -8.32
C VAL B 13 -15.11 6.69 -8.16
N GLU B 14 -15.70 7.88 -8.20
CA GLU B 14 -17.13 7.96 -7.93
C GLU B 14 -17.89 7.05 -8.89
N ALA B 15 -17.41 6.93 -10.12
CA ALA B 15 -18.10 6.10 -11.11
C ALA B 15 -18.04 4.63 -10.73
N VAL B 16 -16.84 4.13 -10.43
CA VAL B 16 -16.67 2.73 -10.07
C VAL B 16 -17.26 2.40 -8.71
N SER B 17 -17.57 3.39 -7.89
CA SER B 17 -18.07 3.13 -6.55
C SER B 17 -19.56 3.37 -6.41
N ALA B 18 -20.17 4.14 -7.32
CA ALA B 18 -21.54 4.58 -7.11
C ALA B 18 -22.50 3.42 -6.91
N ASN B 19 -22.24 2.28 -7.56
CA ASN B 19 -23.11 1.13 -7.49
C ASN B 19 -22.32 -0.10 -7.06
N ALA B 20 -23.03 -1.16 -6.71
CA ALA B 20 -22.37 -2.41 -6.35
C ALA B 20 -21.82 -3.14 -7.56
N THR B 21 -22.37 -2.89 -8.75
CA THR B 21 -21.88 -3.49 -9.98
C THR B 21 -21.32 -2.46 -10.94
N ALA B 22 -21.28 -1.19 -10.56
CA ALA B 22 -20.81 -0.15 -11.47
C ALA B 22 -19.43 -0.46 -12.03
N ALA B 23 -18.56 -1.06 -11.22
CA ALA B 23 -17.21 -1.34 -11.68
C ALA B 23 -17.22 -2.24 -12.90
N THR B 24 -17.79 -3.43 -12.75
CA THR B 24 -17.78 -4.39 -13.85
C THR B 24 -18.51 -3.83 -15.06
N THR B 25 -19.59 -3.08 -14.83
CA THR B 25 -20.35 -2.51 -15.94
C THR B 25 -19.48 -1.54 -16.75
N VAL B 26 -18.84 -0.59 -16.07
CA VAL B 26 -17.95 0.34 -16.77
C VAL B 26 -16.89 -0.41 -17.57
N LEU B 27 -16.14 -1.27 -16.88
CA LEU B 27 -15.04 -1.97 -17.52
C LEU B 27 -15.51 -2.76 -18.73
N ARG B 28 -16.63 -3.47 -18.59
CA ARG B 28 -17.05 -4.36 -19.65
C ARG B 28 -17.68 -3.59 -20.80
N GLN B 29 -18.29 -2.44 -20.51
CA GLN B 29 -18.67 -1.54 -21.60
C GLN B 29 -17.46 -1.10 -22.42
N LEU B 30 -16.25 -1.01 -21.80
CA LEU B 30 -15.13 -0.39 -22.54
C LEU B 30 -14.41 -1.42 -23.39
N ASP B 31 -14.05 -2.54 -22.78
CA ASP B 31 -14.21 -3.83 -23.45
C ASP B 31 -15.09 -3.84 -24.71
N MET B 32 -16.41 -3.59 -24.64
CA MET B 32 -17.22 -3.70 -25.85
C MET B 32 -16.86 -2.60 -26.87
N GLU B 33 -16.68 -1.38 -26.38
CA GLU B 33 -16.26 -0.29 -27.25
C GLU B 33 -15.01 -0.67 -28.04
N LEU B 34 -14.06 -1.35 -27.38
CA LEU B 34 -12.80 -1.70 -28.03
C LEU B 34 -13.05 -2.69 -29.15
N VAL B 35 -13.79 -3.76 -28.86
CA VAL B 35 -14.20 -4.64 -29.96
C VAL B 35 -14.82 -3.84 -31.10
N SER B 36 -15.69 -2.88 -30.80
CA SER B 36 -16.36 -2.15 -31.88
C SER B 36 -15.35 -1.44 -32.75
N VAL B 37 -14.46 -0.69 -32.11
CA VAL B 37 -13.42 0.02 -32.85
C VAL B 37 -12.65 -0.96 -33.72
N LYS B 38 -12.34 -2.14 -33.22
CA LYS B 38 -11.45 -2.95 -34.05
C LYS B 38 -12.24 -3.67 -35.17
N ARG B 39 -13.51 -3.98 -34.95
CA ARG B 39 -14.37 -4.40 -36.07
C ARG B 39 -14.35 -3.36 -37.20
N GLN B 40 -14.52 -2.09 -36.85
CA GLN B 40 -14.53 -1.08 -37.91
C GLN B 40 -13.15 -0.89 -38.54
N ILE B 41 -12.08 -1.05 -37.77
CA ILE B 41 -10.74 -1.01 -38.35
C ILE B 41 -10.62 -2.04 -39.47
N GLN B 42 -11.07 -3.27 -39.21
CA GLN B 42 -10.96 -4.32 -40.22
C GLN B 42 -11.88 -4.03 -41.41
N ASN B 43 -13.09 -3.57 -41.15
CA ASN B 43 -13.94 -3.10 -42.25
C ASN B 43 -13.14 -2.19 -43.18
N ILE B 44 -12.72 -1.04 -42.66
CA ILE B 44 -12.08 -0.01 -43.49
C ILE B 44 -10.81 -0.53 -44.13
N LYS B 45 -10.07 -1.40 -43.43
CA LYS B 45 -8.86 -1.96 -44.03
C LYS B 45 -9.19 -2.74 -45.30
N GLN B 46 -10.26 -3.54 -45.27
CA GLN B 46 -10.65 -4.26 -46.48
C GLN B 46 -11.14 -3.31 -47.56
N THR B 47 -11.93 -2.30 -47.19
CA THR B 47 -12.34 -1.28 -48.17
C THR B 47 -11.11 -0.70 -48.87
N ASN B 48 -10.18 -0.13 -48.09
CA ASN B 48 -9.02 0.53 -48.66
C ASN B 48 -8.17 -0.44 -49.47
N SER B 49 -8.11 -1.70 -49.05
CA SER B 49 -7.40 -2.70 -49.85
C SER B 49 -8.03 -2.81 -51.24
N ALA B 50 -9.36 -2.85 -51.31
CA ALA B 50 -10.02 -2.94 -52.61
C ALA B 50 -9.70 -1.71 -53.46
N LEU B 51 -9.76 -0.53 -52.86
CA LEU B 51 -9.48 0.67 -53.62
C LEU B 51 -8.04 0.68 -54.14
N LYS B 52 -7.10 0.26 -53.31
CA LYS B 52 -5.71 0.19 -53.74
C LYS B 52 -5.55 -0.83 -54.86
N GLU B 53 -6.27 -1.95 -54.78
CA GLU B 53 -6.26 -2.91 -55.88
C GLU B 53 -6.72 -2.24 -57.18
N LYS B 54 -7.75 -1.40 -57.07
CA LYS B 54 -8.15 -0.61 -58.23
C LYS B 54 -6.98 0.21 -58.76
N LEU B 55 -6.34 0.99 -57.89
CA LEU B 55 -5.26 1.89 -58.33
C LEU B 55 -4.01 1.14 -58.78
N ASP B 56 -4.01 -0.20 -58.77
CA ASP B 56 -2.87 -0.94 -59.29
C ASP B 56 -2.60 -0.55 -60.73
N GLY B 57 -1.32 -0.36 -61.05
CA GLY B 57 -0.90 0.16 -62.32
C GLY B 57 -0.59 1.64 -62.31
N GLY B 58 -0.82 2.30 -61.19
CA GLY B 58 -0.56 3.72 -61.05
C GLY B 58 -1.11 4.51 -62.21
N ILE B 59 -0.67 5.75 -62.34
CA ILE B 59 -0.93 6.46 -63.55
C ILE B 59 0.21 6.35 -64.58
N GLU B 60 1.17 5.34 -64.50
CA GLU B 60 2.34 5.61 -65.34
C GLU B 60 1.89 5.68 -66.77
N PRO B 61 0.99 4.82 -67.27
CA PRO B 61 0.87 4.70 -68.72
C PRO B 61 0.19 5.88 -69.52
N TYR B 62 -0.64 6.84 -68.98
CA TYR B 62 -1.19 7.88 -69.93
C TYR B 62 -0.26 9.13 -69.61
N ARG B 63 0.93 8.97 -68.95
CA ARG B 63 1.78 10.17 -68.81
C ARG B 63 2.29 10.58 -70.19
N LEU B 64 2.59 11.89 -70.34
CA LEU B 64 3.17 12.42 -71.59
C LEU B 64 4.58 12.87 -71.30
N PRO B 65 5.56 12.54 -72.14
CA PRO B 65 6.93 13.01 -71.89
C PRO B 65 6.95 14.52 -71.68
N GLU B 66 7.87 14.96 -70.83
CA GLU B 66 8.09 16.37 -70.59
C GLU B 66 9.03 16.94 -71.64
N VAL B 67 8.79 18.19 -72.00
CA VAL B 67 9.65 18.91 -72.93
C VAL B 67 9.90 20.30 -72.38
N ILE B 68 11.13 20.78 -72.54
CA ILE B 68 11.49 22.15 -72.20
C ILE B 68 11.57 23.01 -73.44
N GLN B 69 11.12 24.26 -73.29
CA GLN B 69 11.07 25.27 -74.32
C GLN B 69 11.62 26.59 -73.79
N ALA B 70 12.64 27.12 -74.47
CA ALA B 70 13.28 28.36 -74.07
C ALA B 70 12.30 29.52 -74.26
N CYS B 71 11.98 30.20 -73.15
CA CYS B 71 10.99 31.26 -73.19
C CYS B 71 11.43 32.45 -74.01
N ASN B 72 10.98 32.50 -75.27
CA ASN B 72 11.18 33.66 -76.11
C ASN B 72 10.28 34.81 -75.64
N ALA B 73 10.38 35.94 -76.35
CA ALA B 73 9.54 37.09 -76.08
C ALA B 73 8.89 37.65 -77.33
N ARG B 74 9.06 37.01 -78.47
CA ARG B 74 8.43 37.42 -79.72
C ARG B 74 7.15 36.62 -79.90
N TRP B 75 6.00 37.28 -79.70
CA TRP B 75 4.71 36.61 -79.85
C TRP B 75 4.43 36.32 -81.32
N THR B 76 4.44 35.05 -81.69
CA THR B 76 4.04 34.64 -83.02
C THR B 76 2.52 34.71 -83.17
N THR B 77 2.06 34.99 -84.38
CA THR B 77 0.62 35.01 -84.66
C THR B 77 -0.05 33.76 -84.12
N GLU B 78 0.55 32.59 -84.39
CA GLU B 78 0.03 31.34 -83.85
C GLU B 78 -0.04 31.40 -82.32
N GLU B 79 1.00 31.93 -81.68
CA GLU B 79 1.01 31.99 -80.23
C GLU B 79 -0.06 32.95 -79.70
N GLN B 80 -0.28 34.06 -80.41
CA GLN B 80 -1.34 34.99 -79.99
C GLN B 80 -2.71 34.31 -80.06
N LEU B 81 -2.97 33.57 -81.14
CA LEU B 81 -4.25 32.88 -81.26
C LEU B 81 -4.40 31.84 -80.16
N LEU B 82 -3.36 31.03 -79.94
CA LEU B 82 -3.37 30.08 -78.85
C LEU B 82 -3.69 30.76 -77.54
N ALA B 83 -3.15 31.97 -77.33
CA ALA B 83 -3.35 32.67 -76.07
C ALA B 83 -4.80 33.13 -75.92
N VAL B 84 -5.40 33.64 -77.00
CA VAL B 84 -6.80 34.05 -76.93
C VAL B 84 -7.66 32.86 -76.55
N GLN B 85 -7.44 31.72 -77.22
CA GLN B 85 -8.23 30.54 -76.89
C GLN B 85 -7.99 30.10 -75.45
N ALA B 86 -6.74 30.14 -75.00
CA ALA B 86 -6.41 29.69 -73.66
C ALA B 86 -7.03 30.61 -72.61
N ILE B 87 -7.20 31.89 -72.94
CA ILE B 87 -7.99 32.75 -72.07
C ILE B 87 -9.43 32.26 -72.04
N ARG B 88 -10.05 32.11 -73.21
CA ARG B 88 -11.47 31.74 -73.25
C ARG B 88 -11.73 30.48 -72.45
N LYS B 89 -10.77 29.58 -72.37
CA LYS B 89 -10.98 28.33 -71.64
C LYS B 89 -10.52 28.41 -70.18
N TYR B 90 -9.33 28.92 -69.92
CA TYR B 90 -8.74 28.90 -68.60
C TYR B 90 -8.97 30.19 -67.83
N GLY B 91 -9.66 31.15 -68.42
CA GLY B 91 -9.95 32.41 -67.77
C GLY B 91 -8.71 33.17 -67.36
N ARG B 92 -8.29 33.03 -66.11
CA ARG B 92 -7.15 33.78 -65.60
C ARG B 92 -6.22 32.89 -64.81
N ASP B 93 -6.01 31.66 -65.32
CA ASP B 93 -4.93 30.78 -64.84
C ASP B 93 -3.74 30.97 -65.77
N PHE B 94 -3.26 32.19 -65.75
CA PHE B 94 -2.26 32.57 -66.70
C PHE B 94 -1.00 31.66 -66.61
N GLN B 95 -0.61 31.18 -65.39
CA GLN B 95 0.41 30.11 -65.33
C GLN B 95 0.09 29.10 -66.42
N ALA B 96 -1.18 28.70 -66.46
CA ALA B 96 -1.66 27.66 -67.36
C ALA B 96 -1.67 28.13 -68.80
N ILE B 97 -1.96 29.40 -69.04
CA ILE B 97 -1.92 29.89 -70.41
C ILE B 97 -0.47 29.95 -70.91
N SER B 98 0.47 30.24 -70.00
CA SER B 98 1.89 30.06 -70.33
C SER B 98 2.21 28.60 -70.62
N ASP B 99 1.60 27.69 -69.86
CA ASP B 99 1.82 26.26 -70.11
C ASP B 99 1.35 25.86 -71.50
N VAL B 100 0.16 26.32 -71.89
CA VAL B 100 -0.38 25.95 -73.20
C VAL B 100 0.46 26.60 -74.31
N ILE B 101 0.82 27.87 -74.15
CA ILE B 101 1.68 28.50 -75.16
C ILE B 101 3.04 27.83 -75.17
N GLY B 102 3.63 27.59 -73.99
CA GLY B 102 4.86 26.86 -73.85
C GLY B 102 6.12 27.68 -74.06
N ASN B 103 6.04 28.75 -74.83
CA ASN B 103 7.16 29.61 -75.15
C ASN B 103 6.98 31.01 -74.58
N LYS B 104 6.11 31.15 -73.56
CA LYS B 104 5.89 32.39 -72.83
C LYS B 104 5.93 32.15 -71.34
N SER B 105 6.17 33.21 -70.59
CA SER B 105 6.20 33.16 -69.14
C SER B 105 4.97 33.88 -68.59
N VAL B 106 4.81 33.79 -67.26
CA VAL B 106 3.56 34.21 -66.66
C VAL B 106 3.43 35.73 -66.74
N VAL B 107 4.56 36.44 -66.66
CA VAL B 107 4.56 37.90 -66.78
C VAL B 107 4.30 38.32 -68.21
N GLN B 108 4.83 37.58 -69.19
CA GLN B 108 4.58 37.93 -70.58
C GLN B 108 3.12 37.71 -70.95
N VAL B 109 2.49 36.67 -70.41
CA VAL B 109 1.05 36.48 -70.59
C VAL B 109 0.28 37.62 -69.95
N LYS B 110 0.64 37.94 -68.70
CA LYS B 110 -0.05 39.00 -67.97
C LYS B 110 0.05 40.32 -68.72
N ASN B 111 1.24 40.67 -69.19
CA ASN B 111 1.40 41.80 -70.10
C ASN B 111 0.44 41.68 -71.28
N PHE B 112 0.62 40.64 -72.11
CA PHE B 112 -0.17 40.39 -73.31
C PHE B 112 -1.59 40.91 -73.15
N PHE B 113 -2.18 40.60 -72.06
CA PHE B 113 -3.60 40.85 -72.00
C PHE B 113 -3.83 42.18 -71.19
N ALA B 114 -2.77 43.04 -71.23
CA ALA B 114 -2.89 44.51 -71.43
C ALA B 114 -2.36 45.09 -72.78
N ASN B 115 -1.16 44.69 -73.23
CA ASN B 115 -0.64 44.75 -74.62
C ASN B 115 -1.72 44.89 -75.68
N TYR B 116 -2.60 43.91 -75.76
CA TYR B 116 -3.49 43.72 -76.88
C TYR B 116 -4.93 44.10 -76.59
N ALA B 117 -5.23 44.50 -75.34
CA ALA B 117 -6.58 44.73 -74.83
C ALA B 117 -7.58 44.99 -75.95
N ARG B 118 -8.03 46.22 -76.17
CA ARG B 118 -8.75 46.51 -77.40
C ARG B 118 -8.63 45.51 -78.56
N ARG B 119 -7.41 45.14 -78.96
CA ARG B 119 -7.24 44.50 -80.26
C ARG B 119 -7.83 43.10 -80.30
N PHE B 120 -7.70 42.34 -79.21
CA PHE B 120 -8.27 41.01 -79.13
C PHE B 120 -9.53 40.96 -78.26
N ASN B 121 -10.20 42.10 -78.06
CA ASN B 121 -11.43 42.16 -77.28
C ASN B 121 -11.36 41.25 -76.07
N ILE B 122 -10.18 41.18 -75.44
CA ILE B 122 -9.98 40.19 -74.39
C ILE B 122 -10.98 40.36 -73.26
N ASP B 123 -11.45 41.56 -73.02
CA ASP B 123 -12.49 41.72 -72.02
C ASP B 123 -13.68 40.83 -72.35
N GLU B 124 -14.15 40.91 -73.60
CA GLU B 124 -15.31 40.11 -74.00
C GLU B 124 -15.02 38.62 -73.88
N VAL B 125 -13.81 38.20 -74.24
CA VAL B 125 -13.47 36.79 -74.13
C VAL B 125 -13.59 36.33 -72.69
N LEU B 126 -13.13 37.15 -71.75
CA LEU B 126 -13.22 36.79 -70.35
C LEU B 126 -14.68 36.71 -69.92
N GLN B 127 -15.46 37.75 -70.26
CA GLN B 127 -16.89 37.71 -69.98
C GLN B 127 -17.47 36.38 -70.41
N GLU B 128 -17.16 35.95 -71.64
CA GLU B 128 -17.66 34.68 -72.13
C GLU B 128 -17.14 33.51 -71.31
N TRP B 129 -15.90 33.58 -70.84
CA TRP B 129 -15.39 32.52 -69.98
C TRP B 129 -16.20 32.40 -68.70
N GLU B 130 -16.77 33.51 -68.23
CA GLU B 130 -17.47 33.52 -66.96
C GLU B 130 -18.93 33.08 -67.05
N ALA B 131 -19.33 32.46 -68.16
CA ALA B 131 -20.70 31.95 -68.29
C ALA B 131 -20.69 30.51 -68.76
#